data_5IQV
#
_entry.id   5IQV
#
_cell.length_a   70.729
_cell.length_b   84.576
_cell.length_c   142.075
_cell.angle_alpha   90.000
_cell.angle_beta   90.000
_cell.angle_gamma   90.000
#
_symmetry.space_group_name_H-M   'P 21 21 21'
#
loop_
_entity.id
_entity.type
_entity.pdbx_description
1 polymer WelO5
2 non-polymer 'FE (II) ION'
3 non-polymer '2-OXOGLUTARIC ACID'
4 non-polymer (6aS,9R,10R,10aS)-9-ethyl-10-isocyano-6,6,9-trimethyl-5,6,6a,7,8,9,10,10a-octahydroindeno[2,1-b]indole
5 non-polymer 'CHLORIDE ION'
6 non-polymer 'NITRIC OXIDE'
7 water water
#
_entity_poly.entity_id   1
_entity_poly.type   'polypeptide(L)'
_entity_poly.pdbx_seq_one_letter_code
;MKHHHHHHHSDYDIPTTENLYFQGSMSNNTVSTKPALHFLDINATEVKKYPTAIQDIIINRSFDGMIIRGVFPRDTMEQV
ARCLEEGNDGGMKSILNKNEEFGTKVAQIYGHAIVGQSPDLKDYFASSAIFRQACRTMFQGSPDFEEQVESIFHSLSGLP
VEIPTGPEGQTYTPATIRLLLEGREIAVHVGNDFLLMPAANHLKTLLDLSDQLSYFIPLTVPEAGGELVVYSLEWNPQEA
SKYAQMQEYMDDVEFKIKSNQSQSVAYAPGPGDMLLFNGGRYYHRVSEVIGNSPRRTIGGFLAFSKQRDKIYYWS
;
_entity_poly.pdbx_strand_id   A,B,C
#
loop_
_chem_comp.id
_chem_comp.type
_chem_comp.name
_chem_comp.formula
6CU non-polymer (6aS,9R,10R,10aS)-9-ethyl-10-isocyano-6,6,9-trimethyl-5,6,6a,7,8,9,10,10a-octahydroindeno[2,1-b]indole 'C21 H26 N2'
AKG non-polymer '2-OXOGLUTARIC ACID' 'C5 H6 O5'
CL non-polymer 'CHLORIDE ION' 'Cl -1'
FE2 non-polymer 'FE (II) ION' 'Fe 2'
NO non-polymer 'NITRIC OXIDE' 'N O'
#
# COMPACT_ATOMS: atom_id res chain seq x y z
N ALA A 36 -12.05 47.35 5.82
CA ALA A 36 -11.81 46.51 7.04
C ALA A 36 -12.22 45.05 6.79
N LEU A 37 -11.51 44.13 7.43
CA LEU A 37 -11.74 42.71 7.25
C LEU A 37 -12.60 42.17 8.39
N HIS A 38 -13.46 41.21 8.04
CA HIS A 38 -14.43 40.67 8.99
C HIS A 38 -14.32 39.16 9.09
N PHE A 39 -13.96 38.70 10.27
CA PHE A 39 -13.78 37.28 10.55
C PHE A 39 -14.80 36.84 11.58
N LEU A 40 -15.54 35.77 11.26
CA LEU A 40 -16.38 35.11 12.27
C LEU A 40 -15.50 34.36 13.24
N ASP A 41 -16.04 34.05 14.40
CA ASP A 41 -15.35 33.25 15.39
C ASP A 41 -16.37 32.33 16.02
N ILE A 42 -16.23 31.04 15.77
CA ILE A 42 -17.16 30.04 16.31
C ILE A 42 -16.38 28.84 16.82
N ASN A 43 -17.02 28.05 17.66
CA ASN A 43 -16.48 26.76 18.03
C ASN A 43 -16.80 25.77 16.92
N ALA A 44 -15.95 24.76 16.77
CA ALA A 44 -16.13 23.73 15.74
C ALA A 44 -17.45 22.98 15.88
N THR A 45 -18.01 22.93 17.08
CA THR A 45 -19.31 22.28 17.32
C THR A 45 -20.45 22.93 16.55
N GLU A 46 -20.28 24.21 16.17
CA GLU A 46 -21.35 24.99 15.56
C GLU A 46 -21.31 25.02 14.04
N VAL A 47 -20.32 24.36 13.43
CA VAL A 47 -20.10 24.50 11.98
C VAL A 47 -21.30 24.17 11.08
N LYS A 48 -22.16 23.25 11.52
CA LYS A 48 -23.34 22.89 10.72
C LYS A 48 -24.41 23.98 10.67
N LYS A 49 -24.34 24.94 11.60
CA LYS A 49 -25.24 26.10 11.58
C LYS A 49 -24.79 27.19 10.60
N TYR A 50 -23.67 26.98 9.92
CA TYR A 50 -23.17 27.93 8.92
C TYR A 50 -22.99 27.24 7.58
N PRO A 51 -24.08 26.66 7.03
CA PRO A 51 -24.00 25.83 5.83
C PRO A 51 -23.59 26.57 4.55
N THR A 52 -23.75 27.89 4.54
CA THR A 52 -23.35 28.70 3.38
C THR A 52 -22.09 29.52 3.64
N ALA A 53 -21.33 29.19 4.68
CA ALA A 53 -20.18 30.03 5.08
C ALA A 53 -19.15 30.19 3.96
N ILE A 54 -18.78 29.10 3.32
CA ILE A 54 -17.80 29.15 2.24
C ILE A 54 -18.33 29.95 1.05
N GLN A 55 -19.60 29.73 0.70
CA GLN A 55 -20.27 30.50 -0.34
C GLN A 55 -20.30 31.99 0.03
N ASP A 56 -20.58 32.26 1.29
CA ASP A 56 -20.62 33.63 1.81
C ASP A 56 -19.28 34.35 1.73
N ILE A 57 -18.19 33.61 1.88
CA ILE A 57 -16.85 34.20 1.79
C ILE A 57 -16.42 34.41 0.35
N ILE A 58 -16.53 33.35 -0.46
CA ILE A 58 -16.04 33.37 -1.84
C ILE A 58 -16.95 34.16 -2.80
N ILE A 59 -18.25 33.96 -2.72
CA ILE A 59 -19.19 34.51 -3.70
C ILE A 59 -19.82 35.81 -3.23
N ASN A 60 -20.49 35.76 -2.08
CA ASN A 60 -21.24 36.91 -1.57
C ASN A 60 -20.37 37.98 -0.90
N ARG A 61 -19.17 37.58 -0.45
CA ARG A 61 -18.23 38.50 0.21
C ARG A 61 -18.84 39.18 1.44
N SER A 62 -19.78 38.50 2.10
CA SER A 62 -20.44 39.06 3.28
C SER A 62 -19.50 39.05 4.48
N PHE A 63 -18.51 38.17 4.46
CA PHE A 63 -17.37 38.23 5.36
C PHE A 63 -16.14 37.59 4.72
N ASP A 64 -14.99 37.66 5.38
CA ASP A 64 -13.71 37.35 4.75
C ASP A 64 -13.00 36.12 5.31
N GLY A 65 -13.43 35.64 6.47
CA GLY A 65 -12.84 34.44 7.05
C GLY A 65 -13.53 34.00 8.33
N MET A 66 -12.99 32.95 8.93
CA MET A 66 -13.54 32.37 10.15
C MET A 66 -12.39 31.83 10.99
N ILE A 67 -12.49 32.00 12.30
CA ILE A 67 -11.71 31.22 13.23
C ILE A 67 -12.66 30.15 13.76
N ILE A 68 -12.30 28.88 13.56
CA ILE A 68 -13.13 27.77 14.00
C ILE A 68 -12.37 27.07 15.12
N ARG A 69 -12.86 27.22 16.34
CA ARG A 69 -12.13 26.79 17.53
C ARG A 69 -12.31 25.30 17.80
N GLY A 70 -11.22 24.63 18.17
CA GLY A 70 -11.27 23.23 18.58
C GLY A 70 -11.72 22.29 17.48
N VAL A 71 -11.21 22.51 16.26
CA VAL A 71 -11.45 21.58 15.16
C VAL A 71 -10.74 20.26 15.47
N PHE A 72 -9.52 20.36 15.99
CA PHE A 72 -8.82 19.22 16.55
C PHE A 72 -8.56 19.48 18.03
N PRO A 73 -8.61 18.42 18.85
CA PRO A 73 -8.24 18.57 20.26
C PRO A 73 -6.78 19.00 20.43
N ARG A 74 -6.48 19.61 21.58
CA ARG A 74 -5.12 20.06 21.88
C ARG A 74 -4.18 18.86 21.98
N ASP A 75 -4.71 17.75 22.48
CA ASP A 75 -3.96 16.48 22.60
C ASP A 75 -3.46 15.98 21.25
N THR A 76 -4.37 15.97 20.27
CA THR A 76 -4.05 15.52 18.93
C THR A 76 -2.97 16.38 18.28
N MET A 77 -3.02 17.68 18.53
CA MET A 77 -2.05 18.62 17.98
C MET A 77 -0.67 18.40 18.62
N GLU A 78 -0.66 18.22 19.94
CA GLU A 78 0.57 17.93 20.67
C GLU A 78 1.19 16.61 20.22
N GLN A 79 0.34 15.59 20.11
CA GLN A 79 0.76 14.27 19.61
C GLN A 79 1.48 14.37 18.28
N VAL A 80 0.87 15.10 17.33
CA VAL A 80 1.43 15.24 16.00
C VAL A 80 2.74 16.02 16.05
N ALA A 81 2.78 17.07 16.87
CA ALA A 81 4.00 17.86 17.05
C ALA A 81 5.13 17.00 17.62
N ARG A 82 4.80 16.13 18.58
CA ARG A 82 5.78 15.19 19.15
C ARG A 82 6.32 14.23 18.10
N CYS A 83 5.42 13.69 17.27
CA CYS A 83 5.83 12.79 16.19
C CYS A 83 6.87 13.43 15.28
N LEU A 84 6.72 14.73 15.02
CA LEU A 84 7.69 15.50 14.24
C LEU A 84 8.96 15.82 15.03
N GLU A 85 8.82 16.10 16.33
CA GLU A 85 9.98 16.30 17.20
C GLU A 85 10.80 15.01 17.32
N GLU A 86 10.13 13.96 17.76
CA GLU A 86 10.77 12.69 18.10
C GLU A 86 11.22 11.87 16.89
N GLY A 87 10.72 12.22 15.70
CA GLY A 87 11.15 11.57 14.46
C GLY A 87 10.22 10.47 13.96
N ASN A 88 9.43 9.88 14.86
CA ASN A 88 8.46 8.85 14.46
C ASN A 88 7.22 9.48 13.82
N ASP A 89 7.39 9.95 12.59
CA ASP A 89 6.41 10.80 11.92
C ASP A 89 5.77 10.16 10.69
N GLY A 90 5.92 8.84 10.54
CA GLY A 90 5.39 8.13 9.39
C GLY A 90 6.03 8.50 8.06
N GLY A 91 7.26 9.00 8.09
CA GLY A 91 8.02 9.35 6.88
C GLY A 91 7.94 10.81 6.48
N MET A 92 7.30 11.63 7.31
CA MET A 92 7.09 13.05 7.00
C MET A 92 8.38 13.82 6.81
N LYS A 93 9.41 13.53 7.62
CA LYS A 93 10.69 14.23 7.52
C LYS A 93 11.45 13.91 6.22
N SER A 94 11.14 12.78 5.59
CA SER A 94 11.75 12.42 4.31
C SER A 94 11.34 13.37 3.16
N ILE A 95 10.25 14.13 3.37
CA ILE A 95 9.77 15.09 2.37
C ILE A 95 9.82 16.54 2.88
N LEU A 96 10.70 16.81 3.84
CA LEU A 96 10.89 18.17 4.35
C LEU A 96 11.67 19.00 3.34
N ASN A 97 11.11 20.13 2.95
CA ASN A 97 11.81 21.10 2.12
C ASN A 97 12.21 22.31 2.95
N LYS A 98 13.50 22.45 3.20
CA LYS A 98 14.01 23.53 4.05
C LYS A 98 13.90 24.91 3.39
N ASN A 99 13.94 24.95 2.06
CA ASN A 99 13.84 26.21 1.31
C ASN A 99 14.89 27.24 1.73
N GLU A 100 16.12 26.78 1.91
CA GLU A 100 17.22 27.63 2.40
C GLU A 100 17.61 28.74 1.43
N GLU A 101 17.35 28.53 0.13
CA GLU A 101 17.65 29.53 -0.89
C GLU A 101 16.72 30.75 -0.89
N PHE A 102 15.74 30.76 0.02
CA PHE A 102 14.85 31.92 0.20
C PHE A 102 14.98 32.59 1.58
N GLY A 103 15.85 32.07 2.42
CA GLY A 103 16.19 32.72 3.68
C GLY A 103 15.08 32.71 4.72
N THR A 104 14.88 33.86 5.35
CA THR A 104 13.95 34.00 6.46
C THR A 104 12.52 34.31 6.03
N LYS A 105 12.32 34.59 4.74
CA LYS A 105 11.04 35.04 4.24
C LYS A 105 10.06 33.90 3.89
N VAL A 106 10.50 32.65 4.04
CA VAL A 106 9.61 31.51 3.88
C VAL A 106 9.75 30.56 5.06
N ALA A 107 8.86 29.57 5.08
CA ALA A 107 8.83 28.53 6.09
C ALA A 107 9.44 27.27 5.51
N GLN A 108 9.79 26.34 6.37
CA GLN A 108 10.17 25.00 5.95
C GLN A 108 8.89 24.19 5.79
N ILE A 109 8.77 23.49 4.67
CA ILE A 109 7.52 22.85 4.29
C ILE A 109 7.67 21.35 4.13
N TYR A 110 6.94 20.59 4.95
CA TYR A 110 6.85 19.14 4.79
C TYR A 110 5.93 18.84 3.60
N GLY A 111 6.49 18.17 2.60
CA GLY A 111 5.80 17.95 1.33
C GLY A 111 5.95 19.18 0.46
N HIS A 112 5.95 18.98 -0.85
CA HIS A 112 5.98 20.10 -1.77
C HIS A 112 4.63 20.79 -1.78
N ALA A 113 4.63 22.11 -1.64
CA ALA A 113 3.44 22.90 -1.88
C ALA A 113 3.29 23.03 -3.38
N ILE A 114 2.07 23.34 -3.83
CA ILE A 114 1.80 23.50 -5.26
C ILE A 114 2.58 24.69 -5.80
N VAL A 115 2.81 25.69 -4.95
CA VAL A 115 3.56 26.89 -5.28
C VAL A 115 4.99 26.55 -5.72
N GLY A 116 5.37 27.01 -6.91
CA GLY A 116 6.75 26.90 -7.39
C GLY A 116 7.19 25.53 -7.87
N GLN A 117 6.25 24.74 -8.39
CA GLN A 117 6.57 23.44 -8.95
C GLN A 117 6.59 23.51 -10.46
N SER A 118 7.28 22.55 -11.08
CA SER A 118 7.24 22.41 -12.52
C SER A 118 5.84 21.92 -12.91
N PRO A 119 5.31 22.39 -14.05
CA PRO A 119 3.93 22.05 -14.46
C PRO A 119 3.62 20.54 -14.50
N ASP A 120 4.64 19.71 -14.71
CA ASP A 120 4.47 18.25 -14.69
C ASP A 120 4.07 17.72 -13.32
N LEU A 121 4.55 18.39 -12.25
CA LEU A 121 4.23 18.04 -10.87
C LEU A 121 4.70 16.64 -10.43
N LYS A 122 5.76 16.13 -11.05
CA LYS A 122 6.23 14.79 -10.75
C LYS A 122 6.69 14.67 -9.30
N ASP A 123 7.52 15.60 -8.85
CA ASP A 123 8.00 15.61 -7.47
C ASP A 123 6.84 15.86 -6.51
N TYR A 124 5.99 16.82 -6.86
CA TYR A 124 4.82 17.18 -6.05
C TYR A 124 3.94 15.95 -5.76
N PHE A 125 3.62 15.19 -6.80
CA PHE A 125 2.80 13.99 -6.64
C PHE A 125 3.49 12.91 -5.81
N ALA A 126 4.81 12.80 -5.92
CA ALA A 126 5.56 11.84 -5.11
C ALA A 126 5.49 12.18 -3.61
N SER A 127 5.70 13.45 -3.28
CA SER A 127 5.64 13.89 -1.89
C SER A 127 4.21 13.96 -1.36
N SER A 128 3.27 14.29 -2.25
CA SER A 128 1.85 14.31 -1.88
C SER A 128 1.37 12.96 -1.36
N ALA A 129 1.76 11.91 -2.06
CA ALA A 129 1.42 10.54 -1.67
C ALA A 129 1.96 10.24 -0.28
N ILE A 130 3.25 10.55 -0.08
CA ILE A 130 3.92 10.32 1.21
C ILE A 130 3.27 11.16 2.30
N PHE A 131 2.94 12.42 1.99
CA PHE A 131 2.33 13.30 2.99
C PHE A 131 1.05 12.70 3.53
N ARG A 132 0.21 12.20 2.64
CA ARG A 132 -1.11 11.68 3.03
C ARG A 132 -1.02 10.49 3.96
N GLN A 133 -0.17 9.52 3.63
CA GLN A 133 0.00 8.35 4.50
C GLN A 133 0.70 8.71 5.82
N ALA A 134 1.65 9.63 5.75
CA ALA A 134 2.38 10.08 6.95
C ALA A 134 1.45 10.86 7.90
N CYS A 135 0.69 11.79 7.34
CA CYS A 135 -0.28 12.58 8.10
C CYS A 135 -1.30 11.66 8.75
N ARG A 136 -1.90 10.79 7.94
CA ARG A 136 -2.82 9.73 8.40
C ARG A 136 -2.24 8.97 9.59
N THR A 137 -0.99 8.54 9.47
CA THR A 137 -0.31 7.80 10.53
C THR A 137 -0.18 8.60 11.82
N MET A 138 0.28 9.85 11.71
CA MET A 138 0.51 10.69 12.90
C MET A 138 -0.78 11.05 13.66
N PHE A 139 -1.88 11.21 12.92
CA PHE A 139 -3.16 11.60 13.56
C PHE A 139 -3.87 10.43 14.24
N GLN A 140 -3.60 9.21 13.78
CA GLN A 140 -4.10 7.99 14.42
C GLN A 140 -5.63 7.99 14.57
N GLY A 141 -6.31 8.59 13.59
CA GLY A 141 -7.76 8.70 13.59
C GLY A 141 -8.33 9.31 14.86
N SER A 142 -7.65 10.31 15.40
CA SER A 142 -8.04 10.92 16.68
C SER A 142 -8.24 12.44 16.66
N PRO A 143 -9.03 12.99 15.73
CA PRO A 143 -9.59 12.28 14.58
C PRO A 143 -8.61 12.35 13.42
N ASP A 144 -8.92 11.65 12.33
CA ASP A 144 -8.09 11.70 11.12
C ASP A 144 -8.13 13.10 10.53
N PHE A 145 -6.97 13.59 10.10
CA PHE A 145 -6.85 14.96 9.59
C PHE A 145 -7.80 15.22 8.43
N GLU A 146 -7.70 14.40 7.38
CA GLU A 146 -8.51 14.57 6.19
C GLU A 146 -10.01 14.46 6.46
N GLU A 147 -10.42 13.47 7.25
CA GLU A 147 -11.83 13.30 7.58
C GLU A 147 -12.40 14.49 8.32
N GLN A 148 -11.67 14.97 9.32
CA GLN A 148 -12.12 16.11 10.13
C GLN A 148 -12.17 17.38 9.28
N VAL A 149 -11.09 17.64 8.55
CA VAL A 149 -11.04 18.83 7.68
C VAL A 149 -12.14 18.80 6.62
N GLU A 150 -12.36 17.64 6.01
CA GLU A 150 -13.43 17.48 5.04
C GLU A 150 -14.81 17.66 5.68
N SER A 151 -14.96 17.15 6.89
CA SER A 151 -16.18 17.30 7.66
C SER A 151 -16.51 18.77 7.91
N ILE A 152 -15.49 19.55 8.25
CA ILE A 152 -15.66 20.98 8.51
C ILE A 152 -16.10 21.68 7.23
N PHE A 153 -15.33 21.50 6.16
CA PHE A 153 -15.62 22.13 4.88
C PHE A 153 -16.98 21.71 4.35
N HIS A 154 -17.36 20.46 4.61
CA HIS A 154 -18.68 19.97 4.24
C HIS A 154 -19.79 20.71 4.98
N SER A 155 -19.65 20.82 6.30
CA SER A 155 -20.64 21.51 7.12
C SER A 155 -20.79 23.00 6.76
N LEU A 156 -19.69 23.60 6.31
CA LEU A 156 -19.68 25.02 5.98
C LEU A 156 -20.14 25.32 4.54
N SER A 157 -20.43 24.27 3.76
CA SER A 157 -20.84 24.42 2.36
C SER A 157 -22.04 23.58 1.95
N GLY A 158 -22.28 22.47 2.64
CA GLY A 158 -23.29 21.50 2.22
C GLY A 158 -22.90 20.78 0.94
N LEU A 159 -21.59 20.71 0.67
CA LEU A 159 -21.09 20.14 -0.57
C LEU A 159 -20.15 18.98 -0.29
N PRO A 160 -19.96 18.10 -1.27
CA PRO A 160 -18.94 17.07 -1.10
C PRO A 160 -17.54 17.70 -1.18
N VAL A 161 -16.59 17.15 -0.44
CA VAL A 161 -15.25 17.69 -0.35
C VAL A 161 -14.24 16.62 -0.75
N GLU A 162 -13.38 16.95 -1.69
CA GLU A 162 -12.37 16.00 -2.15
C GLU A 162 -11.03 16.64 -2.42
N ILE A 163 -9.99 15.81 -2.29
CA ILE A 163 -8.64 16.19 -2.69
C ILE A 163 -8.58 15.99 -4.20
N PRO A 164 -8.06 17.00 -4.93
CA PRO A 164 -7.96 16.87 -6.39
C PRO A 164 -7.13 15.67 -6.84
N THR A 165 -7.35 15.25 -8.08
CA THR A 165 -6.64 14.11 -8.67
C THR A 165 -5.90 14.57 -9.91
N GLY A 166 -4.68 14.07 -10.07
CA GLY A 166 -3.82 14.46 -11.19
C GLY A 166 -4.24 13.80 -12.49
N PRO A 167 -3.59 14.18 -13.62
CA PRO A 167 -3.97 13.68 -14.95
C PRO A 167 -3.90 12.15 -15.05
N GLU A 168 -2.94 11.54 -14.35
CA GLU A 168 -2.80 10.07 -14.33
C GLU A 168 -3.26 9.47 -12.99
N GLY A 169 -4.24 10.11 -12.36
CA GLY A 169 -4.78 9.60 -11.10
C GLY A 169 -3.97 9.91 -9.85
N GLN A 170 -2.90 10.71 -9.98
CA GLN A 170 -2.03 11.00 -8.84
C GLN A 170 -2.78 11.88 -7.84
N THR A 171 -2.67 11.56 -6.56
CA THR A 171 -3.30 12.39 -5.54
C THR A 171 -2.52 13.69 -5.34
N TYR A 172 -3.26 14.79 -5.26
CA TYR A 172 -2.70 16.03 -4.72
C TYR A 172 -2.58 15.81 -3.22
N THR A 173 -1.78 16.64 -2.56
CA THR A 173 -1.73 16.61 -1.10
C THR A 173 -2.89 17.49 -0.58
N PRO A 174 -3.56 17.05 0.50
CA PRO A 174 -4.60 17.88 1.12
C PRO A 174 -4.01 19.06 1.90
N ALA A 175 -2.78 18.89 2.38
CA ALA A 175 -2.10 19.90 3.15
C ALA A 175 -0.60 19.76 3.01
N THR A 176 0.11 20.80 3.43
CA THR A 176 1.52 20.70 3.75
C THR A 176 1.65 21.16 5.19
N ILE A 177 2.73 20.76 5.86
CA ILE A 177 3.01 21.27 7.20
C ILE A 177 4.07 22.35 7.09
N ARG A 178 3.77 23.53 7.62
CA ARG A 178 4.65 24.68 7.52
C ARG A 178 5.33 24.89 8.87
N LEU A 179 6.66 24.88 8.83
CA LEU A 179 7.49 25.05 10.02
C LEU A 179 8.23 26.38 9.92
N LEU A 180 7.92 27.31 10.82
CA LEU A 180 8.62 28.58 10.92
C LEU A 180 9.47 28.62 12.19
N LEU A 181 10.79 28.59 12.00
CA LEU A 181 11.72 28.67 13.12
C LEU A 181 11.88 30.12 13.55
N GLU A 182 12.55 30.32 14.69
CA GLU A 182 12.80 31.66 15.22
C GLU A 182 13.44 32.54 14.16
N GLY A 183 12.94 33.77 14.03
CA GLY A 183 13.46 34.73 13.07
C GLY A 183 12.91 34.58 11.67
N ARG A 184 12.16 33.51 11.42
CA ARG A 184 11.61 33.24 10.10
C ARG A 184 10.18 33.76 10.03
N GLU A 185 9.80 34.23 8.85
CA GLU A 185 8.45 34.68 8.58
C GLU A 185 7.99 34.10 7.25
N ILE A 186 6.72 34.30 6.91
CA ILE A 186 6.22 33.98 5.58
C ILE A 186 5.97 35.29 4.88
N ALA A 187 6.69 35.51 3.78
CA ALA A 187 6.62 36.76 3.03
C ALA A 187 5.20 37.04 2.56
N VAL A 188 4.90 38.31 2.35
CA VAL A 188 3.59 38.71 1.90
C VAL A 188 3.32 38.17 0.49
N HIS A 189 2.07 37.79 0.24
CA HIS A 189 1.67 37.14 -0.99
C HIS A 189 0.16 37.13 -1.04
N VAL A 190 -0.39 36.59 -2.12
CA VAL A 190 -1.83 36.40 -2.19
C VAL A 190 -2.15 35.17 -3.03
N GLY A 191 -3.16 34.43 -2.60
CA GLY A 191 -3.44 33.09 -3.11
C GLY A 191 -3.81 32.98 -4.57
N ASN A 192 -4.59 33.93 -5.07
CA ASN A 192 -5.07 33.87 -6.45
C ASN A 192 -3.96 33.99 -7.49
N ASP A 193 -2.81 34.53 -7.10
CA ASP A 193 -1.61 34.50 -7.95
C ASP A 193 -1.14 33.07 -8.20
N PHE A 194 -1.32 32.19 -7.20
CA PHE A 194 -0.85 30.81 -7.31
C PHE A 194 -1.58 30.04 -8.42
N LEU A 195 -2.85 30.36 -8.63
CA LEU A 195 -3.64 29.72 -9.69
C LEU A 195 -3.22 30.14 -11.10
N LEU A 196 -2.42 31.20 -11.21
CA LEU A 196 -1.88 31.66 -12.48
C LEU A 196 -0.46 31.15 -12.74
N MET A 197 0.13 30.46 -11.78
CA MET A 197 1.47 29.89 -11.93
C MET A 197 1.41 28.57 -12.70
N PRO A 198 2.46 28.27 -13.49
CA PRO A 198 2.55 27.02 -14.27
C PRO A 198 2.18 25.74 -13.51
N ALA A 199 2.51 25.67 -12.22
CA ALA A 199 2.22 24.49 -11.40
C ALA A 199 0.73 24.22 -11.21
N ALA A 200 -0.09 25.26 -11.33
CA ALA A 200 -1.54 25.15 -11.16
C ALA A 200 -2.28 24.88 -12.46
N ASN A 201 -1.54 24.60 -13.54
CA ASN A 201 -2.15 24.37 -14.86
C ASN A 201 -3.22 23.29 -14.88
N HIS A 202 -3.00 22.21 -14.14
CA HIS A 202 -4.02 21.16 -14.04
C HIS A 202 -5.15 21.57 -13.10
N LEU A 203 -4.80 22.02 -11.89
CA LEU A 203 -5.79 22.49 -10.92
C LEU A 203 -6.79 23.45 -11.55
N LYS A 204 -6.24 24.46 -12.22
CA LYS A 204 -7.02 25.46 -12.93
C LYS A 204 -8.19 24.85 -13.71
N THR A 205 -7.95 23.74 -14.41
CA THR A 205 -8.98 23.11 -15.23
C THR A 205 -10.13 22.51 -14.41
N LEU A 206 -9.84 22.14 -13.16
CA LEU A 206 -10.86 21.59 -12.25
C LEU A 206 -11.66 22.65 -11.51
N LEU A 207 -11.10 23.85 -11.37
CA LEU A 207 -11.66 24.86 -10.46
C LEU A 207 -12.56 25.88 -11.12
N ASP A 208 -13.51 26.36 -10.32
CA ASP A 208 -14.25 27.57 -10.64
C ASP A 208 -13.25 28.71 -10.55
N LEU A 209 -13.41 29.72 -11.41
CA LEU A 209 -12.44 30.82 -11.46
C LEU A 209 -12.50 31.76 -10.24
N SER A 210 -13.34 31.45 -9.25
CA SER A 210 -13.53 32.31 -8.08
C SER A 210 -12.36 32.18 -7.10
N ASP A 211 -12.41 33.00 -6.05
CA ASP A 211 -11.30 33.09 -5.10
C ASP A 211 -10.98 31.73 -4.47
N GLN A 212 -9.68 31.43 -4.35
CA GLN A 212 -9.25 30.28 -3.57
C GLN A 212 -9.11 30.73 -2.12
N LEU A 213 -9.70 29.97 -1.20
CA LEU A 213 -9.57 30.25 0.21
C LEU A 213 -8.32 29.57 0.72
N SER A 214 -7.84 30.06 1.85
CA SER A 214 -6.74 29.44 2.58
C SER A 214 -7.32 28.86 3.86
N TYR A 215 -6.71 27.77 4.32
CA TYR A 215 -7.00 27.25 5.64
C TYR A 215 -5.70 26.78 6.26
N PHE A 216 -5.63 26.90 7.59
CA PHE A 216 -4.55 26.26 8.34
C PHE A 216 -4.95 26.03 9.78
N ILE A 217 -4.25 25.06 10.39
CA ILE A 217 -4.47 24.70 11.77
C ILE A 217 -3.10 24.68 12.42
N PRO A 218 -2.90 25.53 13.44
CA PRO A 218 -1.64 25.42 14.18
C PRO A 218 -1.53 24.08 14.91
N LEU A 219 -0.39 23.42 14.74
CA LEU A 219 -0.02 22.27 15.54
C LEU A 219 0.66 22.79 16.80
N THR A 220 1.59 23.73 16.61
CA THR A 220 2.22 24.45 17.72
C THR A 220 2.31 25.94 17.39
N VAL A 221 2.09 26.77 18.40
CA VAL A 221 2.19 28.22 18.26
C VAL A 221 3.45 28.74 18.96
N PRO A 222 4.05 29.82 18.41
CA PRO A 222 5.24 30.41 18.99
C PRO A 222 4.93 31.23 20.23
N GLU A 223 5.96 31.59 20.98
CA GLU A 223 5.81 32.39 22.20
C GLU A 223 5.25 33.77 21.86
N ALA A 224 5.74 34.34 20.77
CA ALA A 224 5.21 35.59 20.24
C ALA A 224 5.43 35.66 18.73
N GLY A 225 4.81 36.65 18.09
CA GLY A 225 4.85 36.76 16.64
C GLY A 225 4.14 35.59 15.98
N GLY A 226 4.49 35.33 14.70
CA GLY A 226 3.89 34.23 13.96
C GLY A 226 2.39 34.40 13.79
N GLU A 227 1.96 35.66 13.65
CA GLU A 227 0.57 35.97 13.49
C GLU A 227 0.27 36.10 12.00
N LEU A 228 -0.86 35.56 11.58
CA LEU A 228 -1.36 35.83 10.24
C LEU A 228 -1.77 37.29 10.23
N VAL A 229 -1.09 38.08 9.40
CA VAL A 229 -1.42 39.48 9.22
C VAL A 229 -2.06 39.62 7.85
N VAL A 230 -3.33 40.01 7.84
CA VAL A 230 -4.08 40.15 6.60
C VAL A 230 -4.28 41.62 6.28
N TYR A 231 -3.93 42.01 5.06
CA TYR A 231 -4.06 43.38 4.60
C TYR A 231 -5.38 43.55 3.87
N SER A 232 -5.93 44.75 3.96
CA SER A 232 -7.19 45.08 3.30
C SER A 232 -7.02 45.26 1.78
N LEU A 233 -5.79 45.22 1.30
CA LEU A 233 -5.49 45.34 -0.14
C LEU A 233 -5.94 44.06 -0.88
N GLU A 234 -6.70 44.26 -1.95
CA GLU A 234 -7.29 43.14 -2.70
C GLU A 234 -6.51 42.82 -3.97
N TRP A 235 -6.32 41.53 -4.21
CA TRP A 235 -5.76 41.03 -5.47
C TRP A 235 -6.63 41.47 -6.62
N ASN A 236 -5.98 41.79 -7.74
CA ASN A 236 -6.66 42.29 -8.93
C ASN A 236 -6.18 41.50 -10.14
N PRO A 237 -7.13 40.99 -10.95
CA PRO A 237 -6.76 40.16 -12.12
C PRO A 237 -5.97 40.91 -13.19
N GLN A 238 -6.15 42.23 -13.27
CA GLN A 238 -5.46 43.05 -14.29
C GLN A 238 -4.01 43.41 -13.93
N GLU A 239 -3.42 42.70 -12.96
CA GLU A 239 -2.05 42.97 -12.55
C GLU A 239 -1.46 41.80 -11.75
N TYR A 243 7.19 37.15 -11.02
CA TYR A 243 5.82 36.77 -11.32
C TYR A 243 5.59 35.26 -11.12
N ALA A 244 6.30 34.44 -11.90
CA ALA A 244 6.21 32.97 -11.82
C ALA A 244 7.43 32.36 -11.11
N GLN A 245 8.61 32.92 -11.39
CA GLN A 245 9.81 32.61 -10.60
C GLN A 245 9.60 33.15 -9.19
N MET A 246 9.99 32.38 -8.18
CA MET A 246 9.48 32.59 -6.82
C MET A 246 10.02 33.83 -6.10
N GLN A 247 11.34 33.98 -6.04
CA GLN A 247 11.93 35.15 -5.39
C GLN A 247 11.50 36.42 -6.13
N GLU A 248 11.37 36.32 -7.45
CA GLU A 248 10.87 37.41 -8.28
C GLU A 248 9.42 37.76 -7.90
N TYR A 249 8.60 36.75 -7.67
CA TYR A 249 7.21 36.94 -7.23
C TYR A 249 7.13 37.63 -5.86
N MET A 250 7.89 37.12 -4.90
CA MET A 250 7.88 37.67 -3.54
C MET A 250 8.27 39.14 -3.51
N ASP A 251 9.32 39.48 -4.25
CA ASP A 251 9.79 40.86 -4.37
C ASP A 251 8.77 41.75 -5.08
N ASP A 252 8.09 41.20 -6.08
CA ASP A 252 7.05 41.93 -6.79
C ASP A 252 5.87 42.29 -5.88
N VAL A 253 5.50 41.37 -5.00
CA VAL A 253 4.40 41.60 -4.06
C VAL A 253 4.82 42.55 -2.93
N GLU A 254 6.03 42.36 -2.40
CA GLU A 254 6.56 43.24 -1.34
C GLU A 254 6.61 44.70 -1.79
N PHE A 255 6.94 44.91 -3.06
CA PHE A 255 6.88 46.24 -3.66
C PHE A 255 5.44 46.73 -3.72
N LYS A 256 4.56 45.86 -4.17
CA LYS A 256 3.13 46.18 -4.29
C LYS A 256 2.51 46.50 -2.92
N ILE A 257 3.00 45.84 -1.87
CA ILE A 257 2.56 46.12 -0.50
C ILE A 257 3.13 47.45 0.01
N LYS A 258 4.39 47.72 -0.30
CA LYS A 258 5.03 48.97 0.11
C LYS A 258 4.49 50.17 -0.66
N SER A 259 4.01 49.94 -1.89
CA SER A 259 3.44 51.01 -2.71
C SER A 259 2.03 51.42 -2.28
N ASN A 260 1.36 50.56 -1.52
CA ASN A 260 -0.02 50.81 -1.07
C ASN A 260 -0.17 51.08 0.43
N GLN A 261 0.63 50.38 1.24
CA GLN A 261 0.66 50.58 2.70
C GLN A 261 -0.74 50.62 3.32
N SER A 262 -1.60 49.70 2.89
CA SER A 262 -2.99 49.65 3.32
C SER A 262 -3.13 49.08 4.74
N GLN A 263 -4.34 49.13 5.28
CA GLN A 263 -4.60 48.68 6.64
C GLN A 263 -4.51 47.16 6.80
N SER A 264 -4.19 46.72 8.02
CA SER A 264 -4.01 45.30 8.31
C SER A 264 -4.63 44.87 9.63
N VAL A 265 -4.97 43.60 9.72
CA VAL A 265 -5.42 42.97 10.96
C VAL A 265 -4.61 41.70 11.19
N ALA A 266 -4.33 41.40 12.45
CA ALA A 266 -3.53 40.24 12.83
C ALA A 266 -4.41 39.19 13.50
N TYR A 267 -4.12 37.91 13.22
CA TYR A 267 -4.79 36.79 13.87
C TYR A 267 -3.76 35.78 14.37
N ALA A 268 -4.07 35.17 15.50
CA ALA A 268 -3.19 34.19 16.12
C ALA A 268 -4.01 33.04 16.67
N PRO A 269 -4.61 32.22 15.78
CA PRO A 269 -5.39 31.08 16.24
C PRO A 269 -4.54 30.12 17.07
N GLY A 270 -5.18 29.47 18.03
CA GLY A 270 -4.49 28.52 18.90
C GLY A 270 -4.37 27.15 18.25
N PRO A 271 -3.62 26.23 18.89
CA PRO A 271 -3.47 24.88 18.37
C PRO A 271 -4.82 24.16 18.25
N GLY A 272 -5.09 23.61 17.08
CA GLY A 272 -6.35 22.90 16.83
C GLY A 272 -7.47 23.77 16.27
N ASP A 273 -7.27 25.09 16.29
CA ASP A 273 -8.23 26.02 15.72
C ASP A 273 -7.96 26.13 14.23
N MET A 274 -9.02 26.08 13.41
CA MET A 274 -8.86 26.33 11.98
C MET A 274 -9.13 27.78 11.67
N LEU A 275 -8.17 28.42 11.01
CA LEU A 275 -8.39 29.73 10.41
C LEU A 275 -8.68 29.48 8.95
N LEU A 276 -9.86 29.91 8.53
CA LEU A 276 -10.31 29.75 7.16
C LEU A 276 -10.62 31.14 6.67
N PHE A 277 -9.95 31.58 5.61
CA PHE A 277 -10.17 32.94 5.10
C PHE A 277 -9.83 33.08 3.62
N ASN A 278 -10.25 34.21 3.06
CA ASN A 278 -10.03 34.51 1.66
C ASN A 278 -8.61 35.00 1.41
N GLY A 279 -7.65 34.09 1.58
CA GLY A 279 -6.25 34.36 1.27
C GLY A 279 -6.04 34.56 -0.22
N GLY A 280 -6.98 34.07 -1.03
CA GLY A 280 -6.93 34.27 -2.47
C GLY A 280 -7.04 35.73 -2.87
N ARG A 281 -7.89 36.47 -2.16
CA ARG A 281 -8.16 37.88 -2.49
C ARG A 281 -7.29 38.84 -1.70
N TYR A 282 -7.17 38.61 -0.40
CA TYR A 282 -6.49 39.56 0.49
C TYR A 282 -5.04 39.22 0.69
N TYR A 283 -4.16 40.17 0.38
CA TYR A 283 -2.74 40.02 0.61
C TYR A 283 -2.52 39.78 2.09
N HIS A 284 -1.56 38.91 2.40
CA HIS A 284 -1.29 38.55 3.77
C HIS A 284 0.08 37.93 3.92
N ARG A 285 0.51 37.83 5.18
CA ARG A 285 1.80 37.26 5.52
C ARG A 285 1.66 36.65 6.90
N VAL A 286 2.73 36.00 7.37
CA VAL A 286 2.82 35.57 8.75
C VAL A 286 4.00 36.31 9.37
N SER A 287 3.75 37.01 10.47
CA SER A 287 4.78 37.84 11.09
C SER A 287 5.92 36.99 11.65
N GLU A 288 7.07 37.62 11.84
CA GLU A 288 8.28 36.94 12.30
C GLU A 288 8.02 36.19 13.61
N VAL A 289 8.48 34.94 13.66
CA VAL A 289 8.39 34.12 14.87
C VAL A 289 9.39 34.59 15.93
N ILE A 290 8.88 35.02 17.07
CA ILE A 290 9.69 35.46 18.19
C ILE A 290 9.81 34.32 19.20
N GLY A 291 11.01 34.09 19.71
CA GLY A 291 11.26 33.04 20.70
C GLY A 291 11.65 31.73 20.06
N ASN A 292 12.02 30.76 20.90
CA ASN A 292 12.58 29.49 20.43
C ASN A 292 11.53 28.50 19.92
N SER A 293 10.33 28.56 20.50
CA SER A 293 9.23 27.67 20.10
C SER A 293 8.85 27.92 18.63
N PRO A 294 8.98 26.89 17.77
CA PRO A 294 8.61 27.10 16.37
C PRO A 294 7.10 27.14 16.14
N ARG A 295 6.70 27.85 15.09
CA ARG A 295 5.30 27.87 14.66
C ARG A 295 5.12 26.76 13.64
N ARG A 296 4.35 25.74 14.02
CA ARG A 296 4.01 24.66 13.11
C ARG A 296 2.53 24.73 12.76
N THR A 297 2.25 24.89 11.46
CA THR A 297 0.88 24.86 10.97
C THR A 297 0.69 23.78 9.94
N ILE A 298 -0.50 23.19 9.91
CA ILE A 298 -0.90 22.31 8.82
C ILE A 298 -2.05 22.99 8.10
N GLY A 299 -1.87 23.23 6.82
CA GLY A 299 -2.87 23.95 6.06
C GLY A 299 -2.70 23.83 4.57
N GLY A 300 -3.54 24.57 3.87
CA GLY A 300 -3.52 24.58 2.42
C GLY A 300 -4.57 25.52 1.88
N PHE A 301 -5.25 25.07 0.83
CA PHE A 301 -6.19 25.91 0.12
C PHE A 301 -7.44 25.12 -0.20
N LEU A 302 -8.52 25.83 -0.49
CA LEU A 302 -9.75 25.21 -0.95
C LEU A 302 -10.47 26.14 -1.91
N ALA A 303 -11.22 25.55 -2.83
CA ALA A 303 -11.96 26.32 -3.82
C ALA A 303 -13.08 25.47 -4.41
N PHE A 304 -14.06 26.15 -5.01
CA PHE A 304 -15.15 25.48 -5.69
C PHE A 304 -14.65 24.79 -6.93
N SER A 305 -15.25 23.64 -7.24
CA SER A 305 -15.05 22.98 -8.52
C SER A 305 -15.70 23.83 -9.60
N LYS A 306 -15.32 23.57 -10.85
CA LYS A 306 -15.82 24.29 -12.02
C LYS A 306 -17.32 24.62 -11.96
N GLN A 307 -18.13 23.65 -11.56
CA GLN A 307 -19.59 23.81 -11.55
C GLN A 307 -20.16 24.16 -10.16
N ARG A 308 -19.28 24.56 -9.24
CA ARG A 308 -19.66 24.89 -7.85
C ARG A 308 -20.47 23.81 -7.15
N ASP A 309 -20.25 22.55 -7.53
CA ASP A 309 -20.98 21.42 -6.96
C ASP A 309 -20.09 20.59 -6.04
N LYS A 310 -18.90 21.09 -5.74
CA LYS A 310 -17.92 20.35 -4.96
C LYS A 310 -16.86 21.30 -4.43
N ILE A 311 -16.27 20.95 -3.30
CA ILE A 311 -15.10 21.66 -2.79
C ILE A 311 -13.86 20.79 -2.96
N TYR A 312 -12.83 21.39 -3.55
CA TYR A 312 -11.53 20.78 -3.61
C TYR A 312 -10.67 21.42 -2.55
N TYR A 313 -9.82 20.63 -1.91
CA TYR A 313 -8.85 21.20 -1.00
C TYR A 313 -7.50 20.51 -1.20
N TRP A 314 -6.44 21.30 -1.02
CA TRP A 314 -5.09 20.88 -1.35
C TRP A 314 -4.08 21.87 -0.79
N SER A 315 -2.80 21.52 -0.86
CA SER A 315 -1.72 22.47 -0.64
C SER A 315 -0.71 22.37 -1.77
N ALA B 36 -34.26 -6.01 -23.10
CA ALA B 36 -34.03 -5.97 -21.63
C ALA B 36 -33.38 -7.25 -21.14
N LEU B 37 -32.17 -7.12 -20.59
CA LEU B 37 -31.51 -8.21 -19.89
C LEU B 37 -32.09 -8.27 -18.49
N HIS B 38 -32.32 -9.48 -17.97
CA HIS B 38 -32.94 -9.64 -16.66
C HIS B 38 -31.88 -9.66 -15.55
N PHE B 39 -31.87 -8.60 -14.75
CA PHE B 39 -30.95 -8.49 -13.61
C PHE B 39 -31.73 -8.48 -12.31
N LEU B 40 -31.26 -9.22 -11.32
CA LEU B 40 -31.80 -9.11 -9.97
C LEU B 40 -31.01 -8.06 -9.22
N ASP B 41 -31.64 -7.49 -8.19
CA ASP B 41 -31.02 -6.47 -7.37
C ASP B 41 -31.33 -6.82 -5.92
N ILE B 42 -30.33 -7.31 -5.20
CA ILE B 42 -30.52 -7.77 -3.83
C ILE B 42 -29.46 -7.22 -2.90
N ASN B 43 -29.71 -7.33 -1.61
CA ASN B 43 -28.74 -6.99 -0.60
C ASN B 43 -27.84 -8.18 -0.31
N ALA B 44 -26.59 -7.91 0.04
CA ALA B 44 -25.63 -8.95 0.41
C ALA B 44 -26.19 -9.91 1.45
N THR B 45 -27.02 -9.40 2.35
CA THR B 45 -27.66 -10.22 3.39
C THR B 45 -28.66 -11.25 2.83
N GLU B 46 -29.15 -11.04 1.61
CA GLU B 46 -30.13 -11.93 0.98
C GLU B 46 -29.53 -13.04 0.10
N VAL B 47 -28.21 -13.08 -0.06
CA VAL B 47 -27.58 -14.01 -1.03
C VAL B 47 -27.91 -15.49 -0.81
N LYS B 48 -28.01 -15.92 0.44
CA LYS B 48 -28.30 -17.32 0.75
C LYS B 48 -29.72 -17.74 0.40
N LYS B 49 -30.58 -16.78 0.06
CA LYS B 49 -31.90 -17.05 -0.49
C LYS B 49 -31.85 -17.40 -1.98
N TYR B 50 -30.69 -17.24 -2.61
CA TYR B 50 -30.52 -17.55 -4.01
C TYR B 50 -29.39 -18.57 -4.21
N PRO B 51 -29.54 -19.78 -3.63
CA PRO B 51 -28.46 -20.76 -3.64
C PRO B 51 -28.13 -21.36 -5.01
N THR B 52 -28.92 -21.08 -6.03
CA THR B 52 -28.63 -21.52 -7.39
C THR B 52 -28.52 -20.35 -8.37
N ALA B 53 -28.23 -19.17 -7.87
CA ALA B 53 -28.14 -17.98 -8.73
C ALA B 53 -27.12 -18.18 -9.85
N ILE B 54 -25.95 -18.73 -9.52
CA ILE B 54 -24.87 -18.87 -10.49
C ILE B 54 -25.20 -19.96 -11.51
N GLN B 55 -25.79 -21.06 -11.06
CA GLN B 55 -26.28 -22.10 -11.96
C GLN B 55 -27.34 -21.52 -12.89
N ASP B 56 -28.21 -20.69 -12.33
CA ASP B 56 -29.33 -20.12 -13.06
C ASP B 56 -28.89 -19.12 -14.12
N ILE B 57 -27.80 -18.41 -13.87
CA ILE B 57 -27.26 -17.46 -14.84
C ILE B 57 -26.49 -18.18 -15.93
N ILE B 58 -25.64 -19.14 -15.54
CA ILE B 58 -24.74 -19.79 -16.48
C ILE B 58 -25.40 -20.92 -17.25
N ILE B 59 -26.00 -21.86 -16.52
CA ILE B 59 -26.56 -23.06 -17.14
C ILE B 59 -27.97 -22.82 -17.65
N ASN B 60 -28.90 -22.57 -16.74
CA ASN B 60 -30.32 -22.40 -17.11
C ASN B 60 -30.59 -21.11 -17.87
N ARG B 61 -29.79 -20.08 -17.62
CA ARG B 61 -29.94 -18.76 -18.24
C ARG B 61 -31.34 -18.18 -18.01
N SER B 62 -31.89 -18.41 -16.82
CA SER B 62 -33.20 -17.87 -16.45
C SER B 62 -33.12 -16.38 -16.10
N PHE B 63 -31.92 -15.89 -15.82
CA PHE B 63 -31.64 -14.46 -15.79
C PHE B 63 -30.16 -14.19 -16.07
N ASP B 64 -29.79 -12.91 -16.20
CA ASP B 64 -28.51 -12.54 -16.80
C ASP B 64 -27.48 -11.93 -15.87
N GLY B 65 -27.93 -11.40 -14.74
CA GLY B 65 -27.01 -10.85 -13.77
C GLY B 65 -27.71 -10.41 -12.51
N MET B 66 -26.92 -9.89 -11.57
CA MET B 66 -27.48 -9.34 -10.35
C MET B 66 -26.52 -8.35 -9.72
N ILE B 67 -27.09 -7.29 -9.15
CA ILE B 67 -26.33 -6.38 -8.32
C ILE B 67 -26.56 -6.85 -6.88
N ILE B 68 -25.47 -7.08 -6.17
CA ILE B 68 -25.54 -7.50 -4.76
C ILE B 68 -25.02 -6.34 -3.94
N ARG B 69 -25.93 -5.67 -3.23
CA ARG B 69 -25.63 -4.40 -2.59
C ARG B 69 -24.90 -4.63 -1.28
N GLY B 70 -23.90 -3.80 -1.01
CA GLY B 70 -23.20 -3.81 0.25
C GLY B 70 -22.43 -5.08 0.55
N VAL B 71 -21.83 -5.69 -0.47
CA VAL B 71 -20.97 -6.85 -0.25
C VAL B 71 -19.80 -6.42 0.65
N PHE B 72 -19.28 -5.22 0.41
CA PHE B 72 -18.30 -4.59 1.27
C PHE B 72 -18.89 -3.28 1.82
N PRO B 73 -18.61 -2.97 3.11
CA PRO B 73 -19.02 -1.68 3.66
C PRO B 73 -18.36 -0.48 2.98
N ARG B 74 -19.02 0.67 3.03
CA ARG B 74 -18.47 1.92 2.49
C ARG B 74 -17.09 2.20 3.08
N ASP B 75 -16.98 2.08 4.40
CA ASP B 75 -15.71 2.32 5.10
C ASP B 75 -14.56 1.58 4.42
N THR B 76 -14.74 0.27 4.22
CA THR B 76 -13.72 -0.59 3.64
C THR B 76 -13.29 -0.11 2.26
N MET B 77 -14.27 0.23 1.43
CA MET B 77 -14.00 0.68 0.06
C MET B 77 -13.23 1.99 0.06
N GLU B 78 -13.65 2.93 0.91
CA GLU B 78 -12.97 4.21 1.06
C GLU B 78 -11.55 4.02 1.58
N GLN B 79 -11.40 3.13 2.56
CA GLN B 79 -10.10 2.83 3.15
C GLN B 79 -9.17 2.22 2.10
N VAL B 80 -9.68 1.28 1.32
CA VAL B 80 -8.92 0.67 0.22
C VAL B 80 -8.59 1.71 -0.86
N ALA B 81 -9.54 2.59 -1.14
CA ALA B 81 -9.33 3.67 -2.11
C ALA B 81 -8.22 4.62 -1.65
N ARG B 82 -8.25 4.98 -0.37
CA ARG B 82 -7.19 5.82 0.22
C ARG B 82 -5.83 5.16 0.12
N CYS B 83 -5.77 3.86 0.42
CA CYS B 83 -4.54 3.09 0.28
C CYS B 83 -3.95 3.25 -1.11
N LEU B 84 -4.77 3.04 -2.12
CA LEU B 84 -4.35 3.18 -3.50
C LEU B 84 -3.93 4.62 -3.83
N GLU B 85 -4.74 5.59 -3.43
CA GLU B 85 -4.45 7.01 -3.67
C GLU B 85 -3.16 7.44 -2.98
N GLU B 86 -3.00 7.05 -1.71
CA GLU B 86 -1.80 7.36 -0.92
C GLU B 86 -0.56 6.58 -1.33
N GLY B 87 -0.76 5.45 -1.98
CA GLY B 87 0.34 4.53 -2.30
C GLY B 87 0.65 3.55 -1.16
N ASN B 88 -0.06 3.66 -0.04
CA ASN B 88 0.10 2.73 1.08
C ASN B 88 -0.77 1.49 0.80
N ASP B 89 -0.37 0.76 -0.23
CA ASP B 89 -1.25 -0.19 -0.90
C ASP B 89 -0.69 -1.62 -0.95
N GLY B 90 0.18 -1.96 0.00
CA GLY B 90 0.78 -3.28 0.05
C GLY B 90 1.68 -3.62 -1.12
N GLY B 91 2.13 -2.61 -1.85
CA GLY B 91 2.95 -2.82 -3.04
C GLY B 91 2.13 -3.07 -4.29
N MET B 92 0.85 -2.71 -4.25
CA MET B 92 -0.05 -2.90 -5.38
C MET B 92 0.40 -2.09 -6.60
N LYS B 93 0.97 -0.90 -6.39
CA LYS B 93 1.45 -0.07 -7.50
C LYS B 93 2.68 -0.65 -8.20
N SER B 94 3.37 -1.58 -7.55
CA SER B 94 4.49 -2.29 -8.18
C SER B 94 4.05 -3.13 -9.38
N ILE B 95 2.78 -3.51 -9.42
CA ILE B 95 2.23 -4.31 -10.51
C ILE B 95 1.16 -3.55 -11.30
N LEU B 96 1.29 -2.23 -11.34
CA LEU B 96 0.38 -1.40 -12.12
C LEU B 96 0.77 -1.47 -13.59
N ASN B 97 -0.17 -1.88 -14.43
CA ASN B 97 0.00 -1.90 -15.87
C ASN B 97 -0.76 -0.74 -16.49
N LYS B 98 -0.04 0.28 -16.92
CA LYS B 98 -0.64 1.51 -17.46
C LYS B 98 -1.37 1.28 -18.79
N ASN B 99 -0.93 0.28 -19.55
CA ASN B 99 -1.54 -0.03 -20.85
C ASN B 99 -1.63 1.19 -21.77
N GLU B 100 -0.58 2.01 -21.78
CA GLU B 100 -0.59 3.25 -22.56
C GLU B 100 -0.67 3.01 -24.07
N GLU B 101 -0.14 1.88 -24.53
CA GLU B 101 -0.17 1.55 -25.96
C GLU B 101 -1.58 1.28 -26.51
N PHE B 102 -2.55 1.01 -25.63
CA PHE B 102 -3.94 0.78 -26.04
C PHE B 102 -4.86 1.99 -25.86
N GLY B 103 -4.28 3.16 -25.57
CA GLY B 103 -5.03 4.42 -25.56
C GLY B 103 -6.12 4.52 -24.51
N THR B 104 -7.21 5.21 -24.86
CA THR B 104 -8.30 5.50 -23.92
C THR B 104 -9.31 4.36 -23.79
N LYS B 105 -9.19 3.35 -24.66
CA LYS B 105 -10.18 2.27 -24.73
C LYS B 105 -9.91 1.13 -23.73
N VAL B 106 -8.90 1.29 -22.88
CA VAL B 106 -8.66 0.34 -21.80
C VAL B 106 -8.43 1.08 -20.47
N ALA B 107 -8.67 0.37 -19.38
CA ALA B 107 -8.29 0.81 -18.05
C ALA B 107 -6.81 0.51 -17.78
N GLN B 108 -6.25 1.21 -16.80
CA GLN B 108 -4.99 0.81 -16.18
C GLN B 108 -5.34 -0.29 -15.19
N ILE B 109 -4.50 -1.32 -15.13
CA ILE B 109 -4.84 -2.50 -14.34
C ILE B 109 -3.74 -2.84 -13.34
N TYR B 110 -4.12 -2.86 -12.07
CA TYR B 110 -3.24 -3.35 -11.03
C TYR B 110 -3.28 -4.87 -11.07
N GLY B 111 -2.12 -5.47 -11.34
CA GLY B 111 -2.02 -6.91 -11.55
C GLY B 111 -2.21 -7.23 -13.02
N HIS B 112 -1.56 -8.29 -13.48
CA HIS B 112 -1.77 -8.76 -14.85
C HIS B 112 -3.14 -9.40 -14.92
N ALA B 113 -3.96 -8.93 -15.84
CA ALA B 113 -5.19 -9.63 -16.18
C ALA B 113 -4.80 -10.83 -17.04
N ILE B 114 -5.61 -11.88 -16.98
CA ILE B 114 -5.34 -13.11 -17.73
C ILE B 114 -5.26 -12.83 -19.24
N VAL B 115 -6.09 -11.90 -19.72
CA VAL B 115 -6.11 -11.53 -21.13
C VAL B 115 -4.77 -10.91 -21.54
N GLY B 116 -4.29 -11.28 -22.72
CA GLY B 116 -3.07 -10.70 -23.27
C GLY B 116 -1.79 -11.41 -22.90
N GLN B 117 -1.82 -12.26 -21.87
CA GLN B 117 -0.62 -12.94 -21.40
C GLN B 117 -0.24 -14.09 -22.31
N SER B 118 1.01 -14.52 -22.22
CA SER B 118 1.48 -15.70 -22.92
C SER B 118 1.08 -16.95 -22.14
N PRO B 119 1.00 -18.11 -22.81
CA PRO B 119 0.54 -19.36 -22.18
C PRO B 119 1.31 -19.80 -20.93
N ASP B 120 2.58 -19.39 -20.82
CA ASP B 120 3.40 -19.74 -19.65
C ASP B 120 2.92 -19.08 -18.37
N LEU B 121 2.37 -17.88 -18.49
CA LEU B 121 1.79 -17.13 -17.36
C LEU B 121 2.81 -16.86 -16.26
N LYS B 122 4.08 -16.72 -16.63
CA LYS B 122 5.16 -16.53 -15.66
C LYS B 122 4.97 -15.22 -14.90
N ASP B 123 4.88 -14.12 -15.64
CA ASP B 123 4.70 -12.80 -15.04
C ASP B 123 3.31 -12.67 -14.40
N TYR B 124 2.32 -13.32 -15.02
CA TYR B 124 0.97 -13.36 -14.47
C TYR B 124 0.93 -13.98 -13.07
N PHE B 125 1.58 -15.14 -12.92
CA PHE B 125 1.67 -15.80 -11.62
C PHE B 125 2.47 -14.98 -10.61
N ALA B 126 3.51 -14.31 -11.07
CA ALA B 126 4.31 -13.44 -10.20
C ALA B 126 3.45 -12.30 -9.65
N SER B 127 2.73 -11.60 -10.53
CA SER B 127 1.89 -10.47 -10.10
C SER B 127 0.69 -10.91 -9.29
N SER B 128 0.21 -12.14 -9.49
CA SER B 128 -0.90 -12.70 -8.70
C SER B 128 -0.53 -12.81 -7.22
N ALA B 129 0.66 -13.32 -6.94
CA ALA B 129 1.14 -13.44 -5.56
C ALA B 129 1.28 -12.07 -4.93
N ILE B 130 1.82 -11.10 -5.68
CA ILE B 130 1.92 -9.73 -5.20
C ILE B 130 0.52 -9.15 -5.00
N PHE B 131 -0.35 -9.33 -5.99
CA PHE B 131 -1.72 -8.82 -5.90
C PHE B 131 -2.47 -9.34 -4.68
N ARG B 132 -2.39 -10.65 -4.46
CA ARG B 132 -3.16 -11.28 -3.38
C ARG B 132 -2.76 -10.76 -1.99
N GLN B 133 -1.45 -10.69 -1.72
CA GLN B 133 -1.00 -10.20 -0.42
C GLN B 133 -1.25 -8.71 -0.27
N ALA B 134 -1.01 -7.94 -1.33
CA ALA B 134 -1.27 -6.50 -1.32
C ALA B 134 -2.74 -6.23 -1.04
N CYS B 135 -3.60 -6.96 -1.74
CA CYS B 135 -5.05 -6.83 -1.59
C CYS B 135 -5.48 -7.21 -0.19
N ARG B 136 -4.91 -8.30 0.33
CA ARG B 136 -5.18 -8.75 1.70
C ARG B 136 -4.82 -7.67 2.72
N THR B 137 -3.70 -7.00 2.50
CA THR B 137 -3.23 -5.96 3.39
C THR B 137 -4.15 -4.73 3.37
N MET B 138 -4.56 -4.29 2.18
CA MET B 138 -5.44 -3.13 2.06
C MET B 138 -6.82 -3.32 2.69
N PHE B 139 -7.40 -4.50 2.50
CA PHE B 139 -8.72 -4.80 3.07
C PHE B 139 -8.68 -5.02 4.58
N GLN B 140 -7.50 -5.33 5.13
CA GLN B 140 -7.31 -5.48 6.57
C GLN B 140 -8.29 -6.46 7.23
N GLY B 141 -8.72 -7.45 6.47
CA GLY B 141 -9.72 -8.42 6.93
C GLY B 141 -11.03 -7.81 7.41
N SER B 142 -11.42 -6.68 6.84
CA SER B 142 -12.58 -5.91 7.34
C SER B 142 -13.63 -5.56 6.28
N PRO B 143 -14.19 -6.54 5.56
CA PRO B 143 -13.78 -7.94 5.60
C PRO B 143 -12.71 -8.22 4.56
N ASP B 144 -12.10 -9.40 4.63
CA ASP B 144 -11.10 -9.78 3.64
C ASP B 144 -11.77 -9.91 2.28
N PHE B 145 -11.11 -9.42 1.24
CA PHE B 145 -11.67 -9.44 -0.10
C PHE B 145 -11.97 -10.86 -0.57
N GLU B 146 -10.97 -11.72 -0.53
CA GLU B 146 -11.13 -13.09 -1.02
C GLU B 146 -12.21 -13.84 -0.25
N GLU B 147 -12.16 -13.78 1.08
CA GLU B 147 -13.12 -14.49 1.90
C GLU B 147 -14.54 -14.04 1.63
N GLN B 148 -14.74 -12.73 1.56
CA GLN B 148 -16.07 -12.16 1.35
C GLN B 148 -16.62 -12.50 -0.04
N VAL B 149 -15.80 -12.32 -1.07
CA VAL B 149 -16.17 -12.64 -2.43
C VAL B 149 -16.45 -14.14 -2.60
N GLU B 150 -15.62 -14.98 -1.97
CA GLU B 150 -15.84 -16.43 -1.97
C GLU B 150 -17.13 -16.81 -1.25
N SER B 151 -17.37 -16.14 -0.12
CA SER B 151 -18.60 -16.33 0.64
C SER B 151 -19.83 -16.01 -0.22
N ILE B 152 -19.75 -14.92 -0.98
CA ILE B 152 -20.84 -14.53 -1.87
C ILE B 152 -21.05 -15.61 -2.92
N PHE B 153 -19.98 -16.00 -3.59
CA PHE B 153 -20.07 -17.01 -4.65
C PHE B 153 -20.55 -18.37 -4.14
N HIS B 154 -20.10 -18.74 -2.94
CA HIS B 154 -20.57 -19.98 -2.32
C HIS B 154 -22.07 -19.93 -2.02
N SER B 155 -22.50 -18.86 -1.37
CA SER B 155 -23.91 -18.66 -1.05
C SER B 155 -24.80 -18.69 -2.30
N LEU B 156 -24.28 -18.17 -3.42
CA LEU B 156 -25.05 -18.08 -4.66
C LEU B 156 -24.98 -19.35 -5.53
N SER B 157 -24.27 -20.37 -5.06
CA SER B 157 -24.07 -21.60 -5.84
C SER B 157 -24.26 -22.90 -5.08
N GLY B 158 -23.96 -22.88 -3.77
CA GLY B 158 -23.98 -24.09 -2.97
C GLY B 158 -22.75 -24.94 -3.20
N LEU B 159 -21.70 -24.34 -3.77
CA LEU B 159 -20.50 -25.07 -4.15
C LEU B 159 -19.26 -24.46 -3.50
N PRO B 160 -18.19 -25.27 -3.36
CA PRO B 160 -16.91 -24.70 -2.91
C PRO B 160 -16.41 -23.68 -3.92
N VAL B 161 -15.70 -22.66 -3.42
CA VAL B 161 -15.16 -21.61 -4.27
C VAL B 161 -13.65 -21.57 -4.08
N GLU B 162 -12.92 -21.55 -5.19
CA GLU B 162 -11.46 -21.55 -5.15
C GLU B 162 -10.90 -20.62 -6.20
N ILE B 163 -9.72 -20.08 -5.92
CA ILE B 163 -8.95 -19.40 -6.94
C ILE B 163 -8.20 -20.52 -7.65
N PRO B 164 -8.24 -20.54 -9.00
CA PRO B 164 -7.57 -21.63 -9.70
C PRO B 164 -6.07 -21.67 -9.43
N THR B 165 -5.51 -22.86 -9.63
CA THR B 165 -4.11 -23.12 -9.37
C THR B 165 -3.44 -23.45 -10.71
N GLY B 166 -2.18 -23.06 -10.85
CA GLY B 166 -1.42 -23.27 -12.08
C GLY B 166 -0.92 -24.70 -12.21
N PRO B 167 -0.28 -25.01 -13.35
CA PRO B 167 0.23 -26.37 -13.59
C PRO B 167 1.15 -26.86 -12.48
N GLU B 168 1.94 -25.95 -11.90
CA GLU B 168 2.90 -26.31 -10.86
C GLU B 168 2.60 -25.69 -9.49
N GLY B 169 1.32 -25.42 -9.23
CA GLY B 169 0.89 -24.93 -7.91
C GLY B 169 0.85 -23.42 -7.76
N GLN B 170 1.15 -22.69 -8.83
CA GLN B 170 1.09 -21.23 -8.79
C GLN B 170 -0.37 -20.82 -8.62
N THR B 171 -0.61 -19.65 -8.05
CA THR B 171 -1.99 -19.18 -7.91
C THR B 171 -2.34 -18.18 -8.99
N TYR B 172 -3.51 -18.36 -9.59
CA TYR B 172 -4.10 -17.33 -10.44
C TYR B 172 -4.51 -16.18 -9.53
N THR B 173 -4.55 -14.97 -10.05
CA THR B 173 -5.04 -13.85 -9.25
C THR B 173 -6.57 -13.96 -9.14
N PRO B 174 -7.13 -13.69 -7.95
CA PRO B 174 -8.58 -13.72 -7.82
C PRO B 174 -9.23 -12.54 -8.54
N ALA B 175 -8.52 -11.43 -8.57
CA ALA B 175 -9.04 -10.20 -9.13
C ALA B 175 -7.89 -9.34 -9.64
N THR B 176 -8.27 -8.30 -10.36
CA THR B 176 -7.36 -7.19 -10.67
C THR B 176 -8.12 -5.92 -10.38
N ILE B 177 -7.40 -4.85 -10.07
CA ILE B 177 -8.04 -3.56 -9.84
C ILE B 177 -7.94 -2.76 -11.12
N ARG B 178 -9.08 -2.28 -11.61
CA ARG B 178 -9.15 -1.55 -12.86
C ARG B 178 -9.34 -0.07 -12.56
N LEU B 179 -8.50 0.77 -13.15
CA LEU B 179 -8.50 2.22 -12.91
C LEU B 179 -8.87 2.92 -14.20
N LEU B 180 -10.04 3.56 -14.22
CA LEU B 180 -10.45 4.39 -15.35
C LEU B 180 -10.41 5.86 -14.97
N LEU B 181 -9.51 6.59 -15.60
CA LEU B 181 -9.40 8.03 -15.40
C LEU B 181 -10.39 8.73 -16.29
N GLU B 182 -10.54 10.04 -16.09
CA GLU B 182 -11.43 10.85 -16.93
C GLU B 182 -11.07 10.66 -18.39
N GLY B 183 -12.10 10.57 -19.23
CA GLY B 183 -11.90 10.38 -20.67
C GLY B 183 -11.58 8.96 -21.09
N ARG B 184 -11.46 8.05 -20.12
CA ARG B 184 -11.13 6.66 -20.40
C ARG B 184 -12.39 5.81 -20.33
N GLU B 185 -12.35 4.69 -21.05
CA GLU B 185 -13.45 3.73 -21.07
C GLU B 185 -12.86 2.34 -21.22
N ILE B 186 -13.68 1.33 -20.98
CA ILE B 186 -13.31 -0.05 -21.31
C ILE B 186 -14.06 -0.40 -22.58
N ALA B 187 -13.32 -0.76 -23.62
CA ALA B 187 -13.90 -1.01 -24.93
C ALA B 187 -14.79 -2.25 -24.94
N VAL B 188 -15.76 -2.24 -25.84
CA VAL B 188 -16.70 -3.35 -25.94
C VAL B 188 -15.96 -4.67 -26.15
N HIS B 189 -16.45 -5.70 -25.46
CA HIS B 189 -15.83 -7.01 -25.48
C HIS B 189 -16.82 -8.02 -24.94
N VAL B 190 -16.45 -9.29 -25.00
CA VAL B 190 -17.27 -10.36 -24.42
C VAL B 190 -16.35 -11.43 -23.83
N GLY B 191 -16.75 -11.97 -22.69
CA GLY B 191 -15.86 -12.78 -21.86
C GLY B 191 -15.47 -14.14 -22.40
N ASN B 192 -16.37 -14.80 -23.12
CA ASN B 192 -16.11 -16.14 -23.64
C ASN B 192 -14.99 -16.19 -24.68
N ASP B 193 -14.72 -15.05 -25.32
CA ASP B 193 -13.53 -14.92 -26.18
C ASP B 193 -12.24 -15.10 -25.38
N PHE B 194 -12.24 -14.65 -24.13
CA PHE B 194 -11.01 -14.63 -23.32
C PHE B 194 -10.45 -16.02 -23.07
N LEU B 195 -11.32 -16.99 -22.83
CA LEU B 195 -10.87 -18.37 -22.60
C LEU B 195 -10.68 -19.17 -23.90
N LEU B 196 -10.58 -18.46 -25.03
CA LEU B 196 -10.06 -19.02 -26.27
C LEU B 196 -8.65 -18.50 -26.58
N MET B 197 -8.19 -17.50 -25.82
CA MET B 197 -6.85 -16.96 -25.99
C MET B 197 -5.80 -17.90 -25.42
N PRO B 198 -4.55 -17.83 -25.95
CA PRO B 198 -3.47 -18.69 -25.48
C PRO B 198 -3.22 -18.63 -23.97
N ALA B 199 -3.40 -17.46 -23.36
CA ALA B 199 -3.25 -17.31 -21.91
C ALA B 199 -4.14 -18.26 -21.11
N ALA B 200 -5.31 -18.57 -21.65
CA ALA B 200 -6.28 -19.43 -20.97
C ALA B 200 -6.14 -20.92 -21.31
N ASN B 201 -5.02 -21.33 -21.91
CA ASN B 201 -4.80 -22.74 -22.26
C ASN B 201 -4.90 -23.65 -21.05
N HIS B 202 -4.22 -23.30 -19.95
CA HIS B 202 -4.30 -24.11 -18.73
C HIS B 202 -5.67 -24.00 -18.09
N LEU B 203 -6.12 -22.76 -17.90
CA LEU B 203 -7.38 -22.47 -17.26
C LEU B 203 -8.53 -23.25 -17.90
N LYS B 204 -8.56 -23.27 -19.23
CA LYS B 204 -9.60 -23.96 -19.99
C LYS B 204 -9.72 -25.44 -19.62
N THR B 205 -8.60 -26.09 -19.30
CA THR B 205 -8.61 -27.51 -18.92
C THR B 205 -9.25 -27.75 -17.57
N LEU B 206 -9.32 -26.71 -16.73
CA LEU B 206 -9.95 -26.81 -15.43
C LEU B 206 -11.46 -26.54 -15.46
N LEU B 207 -11.93 -25.88 -16.51
CA LEU B 207 -13.30 -25.35 -16.56
C LEU B 207 -14.27 -26.19 -17.37
N ASP B 208 -15.53 -26.17 -16.94
CA ASP B 208 -16.64 -26.65 -17.74
C ASP B 208 -16.75 -25.75 -18.96
N LEU B 209 -17.27 -26.27 -20.08
CA LEU B 209 -17.50 -25.42 -21.24
C LEU B 209 -18.88 -24.78 -21.18
N SER B 210 -18.98 -23.75 -20.34
CA SER B 210 -20.17 -22.92 -20.24
C SER B 210 -19.71 -21.47 -20.16
N ASP B 211 -20.65 -20.55 -20.08
CA ASP B 211 -20.31 -19.12 -20.03
C ASP B 211 -19.52 -18.79 -18.77
N GLN B 212 -18.48 -17.98 -18.92
CA GLN B 212 -17.77 -17.43 -17.76
C GLN B 212 -18.47 -16.15 -17.33
N LEU B 213 -18.76 -16.03 -16.04
CA LEU B 213 -19.36 -14.83 -15.51
C LEU B 213 -18.30 -13.78 -15.30
N SER B 214 -18.75 -12.53 -15.22
CA SER B 214 -17.91 -11.43 -14.81
C SER B 214 -18.39 -11.00 -13.44
N TYR B 215 -17.48 -10.45 -12.64
CA TYR B 215 -17.86 -9.79 -11.41
C TYR B 215 -16.94 -8.60 -11.18
N PHE B 216 -17.48 -7.55 -10.57
CA PHE B 216 -16.65 -6.46 -10.08
C PHE B 216 -17.36 -5.68 -8.98
N ILE B 217 -16.56 -5.03 -8.16
CA ILE B 217 -17.03 -4.20 -7.08
C ILE B 217 -16.33 -2.86 -7.21
N PRO B 218 -17.10 -1.77 -7.35
CA PRO B 218 -16.44 -0.47 -7.35
C PRO B 218 -15.83 -0.16 -5.98
N LEU B 219 -14.58 0.28 -6.00
CA LEU B 219 -13.93 0.84 -4.82
C LEU B 219 -14.24 2.33 -4.76
N THR B 220 -14.17 2.98 -5.92
CA THR B 220 -14.60 4.37 -6.09
C THR B 220 -15.36 4.51 -7.41
N VAL B 221 -16.40 5.33 -7.39
CA VAL B 221 -17.18 5.61 -8.60
C VAL B 221 -16.98 7.07 -9.01
N PRO B 222 -17.05 7.35 -10.32
CA PRO B 222 -16.88 8.72 -10.77
C PRO B 222 -18.14 9.55 -10.55
N GLU B 223 -18.04 10.86 -10.84
CA GLU B 223 -19.18 11.76 -10.73
C GLU B 223 -20.26 11.38 -11.74
N ALA B 224 -19.83 11.02 -12.95
CA ALA B 224 -20.74 10.55 -14.00
C ALA B 224 -19.98 9.64 -14.96
N GLY B 225 -20.72 8.97 -15.83
CA GLY B 225 -20.13 8.00 -16.76
C GLY B 225 -19.67 6.74 -16.04
N GLY B 226 -18.76 6.01 -16.67
CA GLY B 226 -18.22 4.78 -16.10
C GLY B 226 -19.28 3.74 -15.77
N GLU B 227 -20.27 3.63 -16.65
CA GLU B 227 -21.36 2.68 -16.45
C GLU B 227 -21.08 1.41 -17.21
N LEU B 228 -21.42 0.27 -16.61
CA LEU B 228 -21.42 -1.00 -17.32
C LEU B 228 -22.60 -1.01 -18.28
N VAL B 229 -22.31 -0.94 -19.57
CA VAL B 229 -23.33 -1.01 -20.60
C VAL B 229 -23.31 -2.43 -21.16
N VAL B 230 -24.39 -3.18 -20.90
CA VAL B 230 -24.51 -4.56 -21.36
C VAL B 230 -25.45 -4.65 -22.56
N TYR B 231 -24.95 -5.23 -23.66
CA TYR B 231 -25.73 -5.38 -24.89
C TYR B 231 -26.44 -6.74 -24.96
N SER B 232 -27.57 -6.78 -25.67
CA SER B 232 -28.31 -8.02 -25.87
C SER B 232 -27.62 -8.95 -26.85
N LEU B 233 -26.74 -8.40 -27.69
CA LEU B 233 -25.97 -9.21 -28.63
C LEU B 233 -25.23 -10.31 -27.87
N GLU B 234 -25.42 -11.55 -28.33
CA GLU B 234 -24.82 -12.72 -27.70
C GLU B 234 -23.62 -13.23 -28.48
N TRP B 235 -22.64 -13.75 -27.74
CA TRP B 235 -21.50 -14.45 -28.29
C TRP B 235 -21.93 -15.85 -28.72
N ASN B 236 -21.33 -16.37 -29.79
CA ASN B 236 -21.48 -17.78 -30.14
C ASN B 236 -20.15 -18.40 -30.56
N PRO B 237 -20.00 -19.73 -30.40
CA PRO B 237 -18.75 -20.40 -30.76
C PRO B 237 -18.34 -20.21 -32.22
N GLN B 238 -19.33 -20.12 -33.11
CA GLN B 238 -19.08 -20.02 -34.55
C GLN B 238 -18.37 -18.72 -34.95
N GLU B 239 -18.42 -17.71 -34.07
CA GLU B 239 -17.74 -16.43 -34.31
C GLU B 239 -16.76 -16.11 -33.17
N ALA B 244 -5.84 -13.36 -30.48
CA ALA B 244 -4.92 -13.30 -29.35
C ALA B 244 -4.41 -11.87 -29.12
N GLN B 245 -3.78 -11.29 -30.14
CA GLN B 245 -3.29 -9.91 -30.07
C GLN B 245 -4.45 -8.94 -29.82
N MET B 246 -4.30 -8.10 -28.79
CA MET B 246 -5.44 -7.38 -28.20
C MET B 246 -6.05 -6.28 -29.08
N GLN B 247 -5.21 -5.54 -29.78
CA GLN B 247 -5.71 -4.43 -30.61
C GLN B 247 -6.62 -4.96 -31.72
N GLU B 248 -6.19 -6.05 -32.36
CA GLU B 248 -6.98 -6.71 -33.41
C GLU B 248 -8.30 -7.27 -32.85
N TYR B 249 -8.26 -7.79 -31.62
CA TYR B 249 -9.47 -8.27 -30.96
C TYR B 249 -10.46 -7.14 -30.73
N MET B 250 -9.98 -6.05 -30.11
CA MET B 250 -10.83 -4.90 -29.82
C MET B 250 -11.44 -4.31 -31.09
N ASP B 251 -10.64 -4.22 -32.16
CA ASP B 251 -11.12 -3.73 -33.45
C ASP B 251 -12.21 -4.63 -34.01
N ASP B 252 -11.96 -5.93 -34.00
CA ASP B 252 -12.90 -6.94 -34.50
C ASP B 252 -14.25 -6.85 -33.79
N VAL B 253 -14.23 -6.72 -32.47
CA VAL B 253 -15.45 -6.69 -31.67
C VAL B 253 -16.16 -5.34 -31.81
N GLU B 254 -15.40 -4.25 -31.92
CA GLU B 254 -15.97 -2.93 -32.19
C GLU B 254 -16.67 -2.94 -33.55
N PHE B 255 -16.06 -3.61 -34.53
CA PHE B 255 -16.69 -3.82 -35.83
C PHE B 255 -17.96 -4.65 -35.68
N LYS B 256 -17.89 -5.72 -34.89
CA LYS B 256 -19.04 -6.59 -34.66
C LYS B 256 -20.22 -5.88 -34.00
N ILE B 257 -19.94 -5.01 -33.02
CA ILE B 257 -21.00 -4.31 -32.29
C ILE B 257 -21.61 -3.16 -33.09
N LYS B 258 -20.93 -2.71 -34.15
CA LYS B 258 -21.47 -1.67 -35.03
C LYS B 258 -22.12 -2.25 -36.28
N SER B 259 -21.56 -3.33 -36.82
CA SER B 259 -22.16 -4.04 -37.95
C SER B 259 -23.48 -4.69 -37.52
N ASN B 260 -23.50 -5.27 -36.31
CA ASN B 260 -24.73 -5.65 -35.64
C ASN B 260 -25.15 -4.50 -34.74
N GLN B 261 -26.41 -4.44 -34.37
CA GLN B 261 -26.89 -3.42 -33.43
C GLN B 261 -28.01 -3.98 -32.57
N SER B 262 -27.92 -3.76 -31.26
CA SER B 262 -28.85 -4.33 -30.30
C SER B 262 -29.18 -3.36 -29.17
N GLN B 263 -30.17 -3.73 -28.35
CA GLN B 263 -30.53 -2.96 -27.18
C GLN B 263 -29.47 -3.07 -26.09
N SER B 264 -29.48 -2.13 -25.16
CA SER B 264 -28.53 -2.13 -24.04
C SER B 264 -29.14 -1.61 -22.75
N VAL B 265 -28.55 -2.01 -21.64
CA VAL B 265 -28.93 -1.53 -20.31
C VAL B 265 -27.67 -1.06 -19.58
N ALA B 266 -27.78 0.10 -18.92
CA ALA B 266 -26.66 0.68 -18.17
C ALA B 266 -26.80 0.35 -16.70
N TYR B 267 -25.68 0.00 -16.07
CA TYR B 267 -25.64 -0.31 -14.65
C TYR B 267 -24.49 0.47 -14.02
N ALA B 268 -24.76 1.05 -12.85
CA ALA B 268 -23.76 1.82 -12.12
C ALA B 268 -23.80 1.44 -10.66
N PRO B 269 -23.24 0.27 -10.32
CA PRO B 269 -23.20 -0.13 -8.91
C PRO B 269 -22.42 0.86 -8.06
N GLY B 270 -22.83 1.02 -6.81
CA GLY B 270 -22.15 1.90 -5.88
C GLY B 270 -20.93 1.23 -5.28
N PRO B 271 -20.12 1.99 -4.53
CA PRO B 271 -18.97 1.39 -3.87
C PRO B 271 -19.38 0.27 -2.93
N GLY B 272 -18.73 -0.89 -3.05
CA GLY B 272 -19.04 -2.03 -2.20
C GLY B 272 -20.12 -2.96 -2.73
N ASP B 273 -20.83 -2.55 -3.78
CA ASP B 273 -21.80 -3.40 -4.45
C ASP B 273 -21.09 -4.29 -5.45
N MET B 274 -21.49 -5.56 -5.53
CA MET B 274 -20.98 -6.45 -6.55
C MET B 274 -21.96 -6.51 -7.71
N LEU B 275 -21.46 -6.34 -8.92
CA LEU B 275 -22.23 -6.64 -10.10
C LEU B 275 -21.70 -7.97 -10.61
N LEU B 276 -22.59 -8.94 -10.73
CA LEU B 276 -22.26 -10.29 -11.16
C LEU B 276 -23.18 -10.59 -12.32
N PHE B 277 -22.62 -10.76 -13.51
CA PHE B 277 -23.44 -11.00 -14.69
C PHE B 277 -22.74 -11.87 -15.71
N ASN B 278 -23.51 -12.28 -16.71
CA ASN B 278 -23.00 -13.15 -17.76
C ASN B 278 -22.27 -12.32 -18.82
N GLY B 279 -21.11 -11.79 -18.42
CA GLY B 279 -20.24 -11.05 -19.32
C GLY B 279 -19.59 -11.93 -20.36
N GLY B 280 -19.52 -13.24 -20.07
CA GLY B 280 -19.07 -14.21 -21.05
C GLY B 280 -19.98 -14.30 -22.25
N ARG B 281 -21.28 -14.15 -22.01
CA ARG B 281 -22.31 -14.27 -23.05
C ARG B 281 -22.55 -12.94 -23.76
N TYR B 282 -22.81 -11.90 -22.98
CA TYR B 282 -23.30 -10.64 -23.51
C TYR B 282 -22.17 -9.64 -23.72
N TYR B 283 -22.11 -9.09 -24.93
CA TYR B 283 -21.14 -8.05 -25.23
C TYR B 283 -21.43 -6.86 -24.33
N HIS B 284 -20.38 -6.23 -23.86
CA HIS B 284 -20.54 -5.12 -22.94
C HIS B 284 -19.28 -4.27 -22.90
N ARG B 285 -19.40 -3.12 -22.24
CA ARG B 285 -18.32 -2.16 -22.12
C ARG B 285 -18.52 -1.34 -20.85
N VAL B 286 -17.55 -0.49 -20.54
CA VAL B 286 -17.74 0.53 -19.51
C VAL B 286 -17.61 1.89 -20.20
N SER B 287 -18.62 2.73 -20.04
CA SER B 287 -18.67 4.01 -20.74
C SER B 287 -17.63 4.98 -20.23
N GLU B 288 -17.31 5.98 -21.05
CA GLU B 288 -16.30 6.97 -20.70
C GLU B 288 -16.52 7.56 -19.32
N VAL B 289 -15.44 7.71 -18.56
CA VAL B 289 -15.50 8.30 -17.22
C VAL B 289 -15.53 9.82 -17.34
N ILE B 290 -16.46 10.43 -16.60
CA ILE B 290 -16.60 11.89 -16.54
C ILE B 290 -16.24 12.36 -15.14
N GLY B 291 -15.60 13.53 -15.05
CA GLY B 291 -15.23 14.11 -13.76
C GLY B 291 -13.83 13.73 -13.31
N ASN B 292 -13.37 14.40 -12.25
CA ASN B 292 -12.01 14.23 -11.75
C ASN B 292 -11.83 12.94 -10.93
N SER B 293 -12.88 12.49 -10.26
CA SER B 293 -12.82 11.26 -9.47
C SER B 293 -12.83 10.02 -10.37
N PRO B 294 -11.72 9.26 -10.40
CA PRO B 294 -11.67 8.12 -11.31
C PRO B 294 -12.49 6.91 -10.84
N ARG B 295 -12.84 6.05 -11.79
CA ARG B 295 -13.52 4.81 -11.49
C ARG B 295 -12.48 3.76 -11.10
N ARG B 296 -12.65 3.18 -9.92
CA ARG B 296 -11.80 2.06 -9.50
C ARG B 296 -12.68 0.88 -9.18
N THR B 297 -12.45 -0.23 -9.85
CA THR B 297 -13.16 -1.47 -9.60
C THR B 297 -12.17 -2.57 -9.30
N ILE B 298 -12.56 -3.46 -8.40
CA ILE B 298 -11.84 -4.71 -8.19
C ILE B 298 -12.76 -5.80 -8.69
N GLY B 299 -12.23 -6.69 -9.52
CA GLY B 299 -13.08 -7.70 -10.15
C GLY B 299 -12.37 -8.68 -11.03
N GLY B 300 -13.17 -9.51 -11.69
CA GLY B 300 -12.64 -10.59 -12.49
C GLY B 300 -13.74 -11.45 -13.05
N PHE B 301 -13.53 -12.76 -12.98
CA PHE B 301 -14.40 -13.71 -13.64
C PHE B 301 -14.62 -14.92 -12.77
N LEU B 302 -15.64 -15.69 -13.10
CA LEU B 302 -15.87 -16.98 -12.46
C LEU B 302 -16.59 -17.95 -13.39
N ALA B 303 -16.41 -19.23 -13.11
CA ALA B 303 -16.94 -20.30 -13.95
C ALA B 303 -16.94 -21.60 -13.18
N PHE B 304 -17.71 -22.57 -13.68
CA PHE B 304 -17.73 -23.90 -13.08
C PHE B 304 -16.48 -24.68 -13.43
N SER B 305 -16.08 -25.58 -12.52
CA SER B 305 -15.03 -26.54 -12.81
C SER B 305 -15.53 -27.59 -13.79
N LYS B 306 -14.62 -28.40 -14.33
CA LYS B 306 -15.00 -29.49 -15.25
C LYS B 306 -16.08 -30.40 -14.68
N GLN B 307 -15.92 -30.81 -13.41
CA GLN B 307 -16.88 -31.70 -12.75
C GLN B 307 -18.16 -30.96 -12.31
N ARG B 308 -18.16 -29.63 -12.40
CA ARG B 308 -19.31 -28.79 -12.03
C ARG B 308 -19.61 -28.88 -10.53
N ASP B 309 -18.57 -29.18 -9.74
CA ASP B 309 -18.69 -29.35 -8.31
C ASP B 309 -17.86 -28.29 -7.59
N LYS B 310 -17.56 -27.20 -8.31
CA LYS B 310 -16.64 -26.19 -7.82
C LYS B 310 -16.74 -24.95 -8.68
N ILE B 311 -16.61 -23.79 -8.06
CA ILE B 311 -16.51 -22.54 -8.78
C ILE B 311 -15.09 -22.02 -8.68
N TYR B 312 -14.50 -21.72 -9.83
CA TYR B 312 -13.23 -21.04 -9.90
C TYR B 312 -13.50 -19.57 -10.15
N TYR B 313 -12.70 -18.71 -9.54
CA TYR B 313 -12.77 -17.28 -9.83
C TYR B 313 -11.36 -16.69 -9.91
N TRP B 314 -11.16 -15.82 -10.89
CA TRP B 314 -9.86 -15.28 -11.20
C TRP B 314 -10.02 -13.96 -11.95
N SER B 315 -8.91 -13.31 -12.26
CA SER B 315 -8.91 -12.23 -13.25
C SER B 315 -7.74 -12.39 -14.22
N ALA C 36 30.58 -22.11 28.07
CA ALA C 36 29.83 -23.03 27.16
C ALA C 36 28.59 -22.32 26.58
N LEU C 37 28.50 -22.30 25.25
CA LEU C 37 27.30 -21.78 24.58
C LEU C 37 26.12 -22.69 24.90
N HIS C 38 25.34 -22.30 25.90
CA HIS C 38 24.23 -23.12 26.40
C HIS C 38 23.09 -23.17 25.39
N PHE C 39 22.73 -24.39 24.97
CA PHE C 39 21.62 -24.63 24.05
C PHE C 39 20.62 -25.62 24.64
N LEU C 40 19.37 -25.18 24.81
CA LEU C 40 18.31 -26.04 25.33
C LEU C 40 17.79 -26.97 24.24
N ASP C 41 17.91 -28.27 24.46
CA ASP C 41 17.39 -29.26 23.52
C ASP C 41 16.04 -29.77 24.01
N ILE C 42 14.98 -29.07 23.64
CA ILE C 42 13.61 -29.42 24.05
C ILE C 42 12.80 -29.93 22.87
N ASN C 43 11.61 -30.43 23.16
CA ASN C 43 10.68 -30.90 22.14
C ASN C 43 9.64 -29.83 21.82
N ALA C 44 9.06 -29.90 20.63
CA ALA C 44 8.07 -28.92 20.16
C ALA C 44 6.86 -28.82 21.09
N THR C 45 6.49 -29.93 21.73
CA THR C 45 5.36 -29.97 22.66
C THR C 45 5.61 -29.16 23.94
N GLU C 46 6.88 -29.02 24.32
CA GLU C 46 7.25 -28.40 25.60
C GLU C 46 7.51 -26.88 25.51
N VAL C 47 7.29 -26.28 24.34
CA VAL C 47 7.59 -24.86 24.15
C VAL C 47 6.87 -23.93 25.13
N LYS C 48 5.65 -24.30 25.54
CA LYS C 48 4.87 -23.50 26.48
C LYS C 48 5.44 -23.50 27.90
N LYS C 49 6.36 -24.42 28.18
CA LYS C 49 7.05 -24.48 29.47
C LYS C 49 8.21 -23.47 29.54
N TYR C 50 8.53 -22.84 28.42
CA TYR C 50 9.54 -21.78 28.36
C TYR C 50 8.94 -20.52 27.71
N PRO C 51 8.00 -19.86 28.41
CA PRO C 51 7.28 -18.72 27.84
C PRO C 51 8.08 -17.41 27.74
N THR C 52 9.33 -17.41 28.18
CA THR C 52 10.19 -16.24 28.06
C THR C 52 11.55 -16.60 27.44
N ALA C 53 11.61 -17.72 26.73
CA ALA C 53 12.88 -18.21 26.15
C ALA C 53 13.51 -17.18 25.21
N ILE C 54 12.69 -16.54 24.39
CA ILE C 54 13.19 -15.55 23.43
C ILE C 54 13.67 -14.29 24.16
N GLN C 55 12.97 -13.92 25.23
CA GLN C 55 13.42 -12.81 26.09
C GLN C 55 14.73 -13.18 26.77
N ASP C 56 14.81 -14.41 27.26
CA ASP C 56 15.99 -14.89 27.98
C ASP C 56 17.24 -14.91 27.12
N ILE C 57 17.09 -15.28 25.84
CA ILE C 57 18.23 -15.36 24.92
C ILE C 57 18.73 -13.97 24.54
N ILE C 58 17.81 -13.07 24.21
CA ILE C 58 18.18 -11.73 23.73
C ILE C 58 18.60 -10.82 24.89
N ILE C 59 17.73 -10.68 25.88
CA ILE C 59 17.94 -9.70 26.95
C ILE C 59 18.78 -10.25 28.11
N ASN C 60 18.26 -11.26 28.81
CA ASN C 60 18.97 -11.84 29.95
C ASN C 60 20.25 -12.56 29.53
N ARG C 61 20.26 -13.11 28.32
CA ARG C 61 21.38 -13.88 27.78
C ARG C 61 21.79 -15.05 28.69
N SER C 62 20.81 -15.63 29.37
CA SER C 62 21.08 -16.75 30.27
C SER C 62 21.51 -17.99 29.47
N PHE C 63 20.92 -18.15 28.29
CA PHE C 63 21.37 -19.16 27.33
C PHE C 63 21.35 -18.56 25.92
N ASP C 64 21.95 -19.29 24.96
CA ASP C 64 22.23 -18.73 23.64
C ASP C 64 21.39 -19.29 22.50
N GLY C 65 20.80 -20.47 22.68
CA GLY C 65 19.96 -21.05 21.64
C GLY C 65 19.14 -22.25 22.06
N MET C 66 18.37 -22.77 21.11
CA MET C 66 17.47 -23.89 21.34
C MET C 66 17.39 -24.77 20.10
N ILE C 67 17.40 -26.08 20.30
CA ILE C 67 16.94 -27.02 19.29
C ILE C 67 15.54 -27.44 19.73
N ILE C 68 14.55 -27.09 18.93
CA ILE C 68 13.16 -27.45 19.21
C ILE C 68 12.79 -28.60 18.28
N ARG C 69 12.68 -29.81 18.84
CA ARG C 69 12.56 -31.02 18.05
C ARG C 69 11.13 -31.22 17.54
N GLY C 70 11.00 -31.50 16.25
CA GLY C 70 9.72 -31.84 15.64
C GLY C 70 8.72 -30.70 15.59
N VAL C 71 9.18 -29.52 15.19
CA VAL C 71 8.28 -28.39 14.97
C VAL C 71 7.39 -28.68 13.78
N PHE C 72 7.96 -29.34 12.76
CA PHE C 72 7.20 -29.82 11.61
C PHE C 72 7.35 -31.34 11.49
N PRO C 73 6.27 -32.03 11.09
CA PRO C 73 6.38 -33.48 10.89
C PRO C 73 7.38 -33.85 9.80
N ARG C 74 8.01 -35.02 9.95
CA ARG C 74 8.95 -35.53 8.96
C ARG C 74 8.31 -35.60 7.57
N ASP C 75 7.04 -36.00 7.53
CA ASP C 75 6.29 -36.10 6.28
C ASP C 75 6.23 -34.78 5.54
N THR C 76 5.94 -33.71 6.27
CA THR C 76 5.78 -32.38 5.70
C THR C 76 7.08 -31.88 5.09
N MET C 77 8.20 -32.14 5.77
CA MET C 77 9.52 -31.75 5.28
C MET C 77 9.84 -32.50 3.99
N GLU C 78 9.54 -33.78 3.94
CA GLU C 78 9.71 -34.58 2.72
C GLU C 78 8.81 -34.08 1.59
N GLN C 79 7.57 -33.70 1.92
CA GLN C 79 6.62 -33.19 0.94
C GLN C 79 7.08 -31.89 0.29
N VAL C 80 7.56 -30.96 1.11
CA VAL C 80 8.06 -29.67 0.62
C VAL C 80 9.30 -29.88 -0.24
N ALA C 81 10.14 -30.84 0.15
CA ALA C 81 11.35 -31.17 -0.62
C ALA C 81 11.01 -31.73 -1.99
N ARG C 82 10.03 -32.64 -2.03
CA ARG C 82 9.58 -33.21 -3.30
C ARG C 82 8.95 -32.16 -4.20
N CYS C 83 8.15 -31.27 -3.61
CA CYS C 83 7.61 -30.13 -4.35
C CYS C 83 8.69 -29.34 -5.06
N LEU C 84 9.79 -29.07 -4.35
CA LEU C 84 10.95 -28.38 -4.94
C LEU C 84 11.65 -29.22 -5.99
N GLU C 85 11.97 -30.48 -5.66
CA GLU C 85 12.62 -31.40 -6.60
C GLU C 85 11.84 -31.52 -7.90
N GLU C 86 10.54 -31.77 -7.78
CA GLU C 86 9.66 -32.05 -8.92
C GLU C 86 9.21 -30.79 -9.67
N GLY C 87 9.42 -29.62 -9.08
CA GLY C 87 9.04 -28.37 -9.71
C GLY C 87 7.61 -27.95 -9.44
N ASN C 88 6.86 -28.75 -8.68
CA ASN C 88 5.50 -28.40 -8.26
C ASN C 88 5.59 -27.59 -6.96
N ASP C 89 6.15 -26.39 -7.07
CA ASP C 89 6.60 -25.62 -5.92
C ASP C 89 5.86 -24.29 -5.77
N GLY C 90 4.76 -24.11 -6.49
CA GLY C 90 4.02 -22.87 -6.47
C GLY C 90 4.74 -21.69 -7.10
N GLY C 91 5.73 -21.98 -7.94
CA GLY C 91 6.56 -20.94 -8.56
C GLY C 91 7.69 -20.45 -7.67
N MET C 92 8.08 -21.26 -6.70
CA MET C 92 9.19 -20.96 -5.81
C MET C 92 10.53 -20.87 -6.56
N LYS C 93 10.69 -21.68 -7.61
CA LYS C 93 11.90 -21.65 -8.43
C LYS C 93 12.04 -20.37 -9.25
N SER C 94 10.94 -19.64 -9.45
CA SER C 94 10.97 -18.35 -10.13
C SER C 94 11.71 -17.25 -9.35
N ILE C 95 11.88 -17.45 -8.05
CA ILE C 95 12.61 -16.50 -7.20
C ILE C 95 13.89 -17.11 -6.63
N LEU C 96 14.41 -18.14 -7.31
CA LEU C 96 15.66 -18.78 -6.92
C LEU C 96 16.86 -17.92 -7.33
N ASN C 97 17.62 -17.50 -6.33
CA ASN C 97 18.87 -16.77 -6.55
C ASN C 97 20.03 -17.74 -6.38
N LYS C 98 20.69 -18.07 -7.48
CA LYS C 98 21.78 -19.02 -7.44
C LYS C 98 23.05 -18.43 -6.81
N ASN C 99 23.19 -17.10 -6.87
CA ASN C 99 24.35 -16.41 -6.30
C ASN C 99 25.68 -16.95 -6.83
N GLU C 100 25.72 -17.24 -8.13
CA GLU C 100 26.87 -17.90 -8.75
C GLU C 100 28.13 -17.03 -8.81
N GLU C 101 27.96 -15.72 -8.63
CA GLU C 101 29.10 -14.78 -8.65
C GLU C 101 29.79 -14.65 -7.28
N PHE C 102 29.22 -15.24 -6.24
CA PHE C 102 29.79 -15.18 -4.89
C PHE C 102 30.51 -16.46 -4.49
N GLY C 103 30.58 -17.42 -5.40
CA GLY C 103 31.39 -18.63 -5.20
C GLY C 103 30.74 -19.69 -4.35
N THR C 104 31.57 -20.45 -3.64
CA THR C 104 31.16 -21.70 -2.99
C THR C 104 30.73 -21.56 -1.52
N LYS C 105 31.13 -20.47 -0.86
CA LYS C 105 30.77 -20.26 0.56
C LYS C 105 29.55 -19.34 0.73
N VAL C 106 28.64 -19.40 -0.23
CA VAL C 106 27.26 -18.95 -0.07
C VAL C 106 26.36 -20.08 -0.52
N ALA C 107 25.06 -19.89 -0.29
CA ALA C 107 24.05 -20.89 -0.60
C ALA C 107 23.18 -20.32 -1.69
N GLN C 108 22.51 -21.20 -2.42
CA GLN C 108 21.47 -20.78 -3.35
C GLN C 108 20.23 -20.49 -2.51
N ILE C 109 19.62 -19.34 -2.72
CA ILE C 109 18.54 -18.89 -1.87
C ILE C 109 17.25 -18.70 -2.67
N TYR C 110 16.20 -19.41 -2.26
CA TYR C 110 14.87 -19.19 -2.80
C TYR C 110 14.27 -17.95 -2.12
N GLY C 111 13.99 -16.94 -2.94
CA GLY C 111 13.55 -15.65 -2.45
C GLY C 111 14.72 -14.75 -2.13
N HIS C 112 14.51 -13.45 -2.17
CA HIS C 112 15.54 -12.49 -1.79
C HIS C 112 15.64 -12.44 -0.28
N ALA C 113 16.81 -12.78 0.25
CA ALA C 113 17.14 -12.46 1.63
C ALA C 113 17.35 -10.96 1.69
N ILE C 114 17.01 -10.35 2.82
CA ILE C 114 17.12 -8.90 2.97
C ILE C 114 18.57 -8.41 2.91
N VAL C 115 19.50 -9.24 3.37
CA VAL C 115 20.93 -8.95 3.26
C VAL C 115 21.33 -8.61 1.82
N GLY C 116 22.10 -7.55 1.65
CA GLY C 116 22.62 -7.16 0.35
C GLY C 116 21.58 -6.68 -0.65
N GLN C 117 20.50 -6.11 -0.14
CA GLN C 117 19.45 -5.52 -0.98
C GLN C 117 19.56 -3.99 -0.93
N SER C 118 19.20 -3.34 -2.03
CA SER C 118 19.18 -1.88 -2.06
C SER C 118 18.06 -1.36 -1.15
N PRO C 119 18.25 -0.16 -0.57
CA PRO C 119 17.33 0.33 0.47
C PRO C 119 15.85 0.43 0.06
N ASP C 120 15.59 0.60 -1.24
CA ASP C 120 14.21 0.67 -1.74
C ASP C 120 13.42 -0.63 -1.54
N LEU C 121 14.13 -1.77 -1.59
CA LEU C 121 13.55 -3.10 -1.33
C LEU C 121 12.48 -3.52 -2.33
N LYS C 122 12.50 -2.95 -3.53
CA LYS C 122 11.47 -3.20 -4.52
C LYS C 122 11.45 -4.66 -4.96
N ASP C 123 12.61 -5.18 -5.36
CA ASP C 123 12.73 -6.59 -5.74
C ASP C 123 12.47 -7.51 -4.55
N TYR C 124 12.98 -7.11 -3.38
CA TYR C 124 12.80 -7.87 -2.15
C TYR C 124 11.31 -8.07 -1.84
N PHE C 125 10.52 -7.01 -1.96
CA PHE C 125 9.08 -7.10 -1.67
C PHE C 125 8.32 -7.95 -2.68
N ALA C 126 8.67 -7.85 -3.95
CA ALA C 126 8.05 -8.67 -4.99
C ALA C 126 8.32 -10.14 -4.70
N SER C 127 9.59 -10.46 -4.52
CA SER C 127 10.05 -11.80 -4.18
C SER C 127 9.37 -12.36 -2.92
N SER C 128 9.19 -11.51 -1.92
CA SER C 128 8.62 -11.93 -0.64
C SER C 128 7.17 -12.38 -0.76
N ALA C 129 6.38 -11.64 -1.53
CA ALA C 129 5.00 -12.02 -1.82
C ALA C 129 4.97 -13.35 -2.54
N ILE C 130 5.85 -13.53 -3.52
CA ILE C 130 5.92 -14.78 -4.27
C ILE C 130 6.31 -15.93 -3.34
N PHE C 131 7.29 -15.70 -2.47
CA PHE C 131 7.74 -16.71 -1.53
C PHE C 131 6.61 -17.16 -0.61
N ARG C 132 5.89 -16.19 -0.04
CA ARG C 132 4.86 -16.49 0.95
C ARG C 132 3.78 -17.38 0.35
N GLN C 133 3.34 -17.06 -0.87
CA GLN C 133 2.30 -17.82 -1.53
C GLN C 133 2.79 -19.22 -1.91
N ALA C 134 3.97 -19.28 -2.53
CA ALA C 134 4.56 -20.56 -2.93
C ALA C 134 4.79 -21.45 -1.72
N CYS C 135 5.35 -20.86 -0.67
CA CYS C 135 5.62 -21.57 0.57
C CYS C 135 4.34 -22.12 1.16
N ARG C 136 3.33 -21.26 1.28
CA ARG C 136 2.02 -21.65 1.79
C ARG C 136 1.46 -22.87 1.04
N THR C 137 1.52 -22.82 -0.29
CA THR C 137 1.05 -23.91 -1.14
C THR C 137 1.77 -25.24 -0.86
N MET C 138 3.09 -25.20 -0.74
CA MET C 138 3.88 -26.42 -0.56
C MET C 138 3.65 -27.07 0.80
N PHE C 139 3.52 -26.26 1.84
CA PHE C 139 3.26 -26.77 3.18
C PHE C 139 1.84 -27.31 3.31
N GLN C 140 0.95 -26.86 2.43
CA GLN C 140 -0.37 -27.46 2.30
C GLN C 140 -1.12 -27.47 3.63
N GLY C 141 -0.88 -26.44 4.45
CA GLY C 141 -1.47 -26.32 5.79
C GLY C 141 -1.32 -27.54 6.68
N SER C 142 -0.18 -28.23 6.57
CA SER C 142 0.01 -29.52 7.27
C SER C 142 1.30 -29.62 8.10
N PRO C 143 1.54 -28.70 9.04
CA PRO C 143 0.78 -27.48 9.23
C PRO C 143 1.35 -26.38 8.35
N ASP C 144 0.67 -25.24 8.32
CA ASP C 144 1.17 -24.07 7.60
C ASP C 144 2.48 -23.60 8.22
N PHE C 145 3.43 -23.17 7.38
CA PHE C 145 4.74 -22.74 7.84
C PHE C 145 4.64 -21.54 8.77
N GLU C 146 3.99 -20.48 8.28
CA GLU C 146 3.89 -19.24 9.04
C GLU C 146 3.15 -19.46 10.37
N GLU C 147 1.97 -20.07 10.30
CA GLU C 147 1.17 -20.34 11.49
C GLU C 147 1.94 -21.15 12.53
N GLN C 148 2.67 -22.16 12.06
CA GLN C 148 3.42 -23.05 12.95
C GLN C 148 4.62 -22.36 13.59
N VAL C 149 5.35 -21.59 12.78
CA VAL C 149 6.51 -20.85 13.26
C VAL C 149 6.08 -19.77 14.25
N GLU C 150 5.02 -19.04 13.90
CA GLU C 150 4.47 -17.99 14.77
C GLU C 150 3.93 -18.57 16.08
N SER C 151 3.38 -19.78 16.01
CA SER C 151 2.92 -20.51 17.20
C SER C 151 4.09 -20.83 18.14
N ILE C 152 5.23 -21.23 17.58
CA ILE C 152 6.41 -21.54 18.37
C ILE C 152 6.95 -20.27 19.05
N PHE C 153 7.13 -19.21 18.28
CA PHE C 153 7.67 -17.97 18.82
C PHE C 153 6.74 -17.36 19.86
N HIS C 154 5.43 -17.46 19.62
CA HIS C 154 4.45 -16.95 20.58
C HIS C 154 4.55 -17.70 21.90
N SER C 155 4.58 -19.02 21.83
CA SER C 155 4.74 -19.86 23.02
C SER C 155 6.02 -19.53 23.78
N LEU C 156 7.10 -19.24 23.06
CA LEU C 156 8.41 -18.94 23.65
C LEU C 156 8.60 -17.47 24.04
N SER C 157 7.54 -16.66 23.92
CA SER C 157 7.62 -15.24 24.28
C SER C 157 6.43 -14.71 25.08
N GLY C 158 5.25 -15.28 24.85
CA GLY C 158 4.01 -14.72 25.41
C GLY C 158 3.62 -13.41 24.74
N LEU C 159 4.25 -13.11 23.60
CA LEU C 159 4.02 -11.87 22.87
C LEU C 159 3.46 -12.18 21.50
N PRO C 160 2.77 -11.21 20.88
CA PRO C 160 2.29 -11.39 19.51
C PRO C 160 3.43 -11.48 18.50
N VAL C 161 3.24 -12.28 17.46
CA VAL C 161 4.28 -12.54 16.48
C VAL C 161 3.79 -12.16 15.08
N GLU C 162 4.60 -11.36 14.37
CA GLU C 162 4.21 -10.86 13.06
C GLU C 162 5.38 -10.87 12.08
N ILE C 163 5.03 -10.98 10.80
CA ILE C 163 5.96 -10.69 9.73
C ILE C 163 5.87 -9.18 9.54
N PRO C 164 7.02 -8.47 9.58
CA PRO C 164 6.96 -7.02 9.44
C PRO C 164 6.45 -6.57 8.07
N THR C 165 5.94 -5.34 8.03
CA THR C 165 5.47 -4.73 6.79
C THR C 165 6.36 -3.54 6.44
N GLY C 166 6.53 -3.30 5.15
CA GLY C 166 7.36 -2.21 4.67
C GLY C 166 6.70 -0.85 4.81
N PRO C 167 7.35 0.21 4.28
CA PRO C 167 6.83 1.58 4.40
C PRO C 167 5.47 1.75 3.76
N GLU C 168 5.24 1.05 2.64
CA GLU C 168 3.97 1.11 1.92
C GLU C 168 3.10 -0.11 2.20
N GLY C 169 3.33 -0.78 3.33
CA GLY C 169 2.56 -1.97 3.69
C GLY C 169 2.94 -3.23 2.94
N GLN C 170 4.08 -3.22 2.25
CA GLN C 170 4.55 -4.41 1.53
C GLN C 170 4.93 -5.46 2.55
N THR C 171 4.66 -6.73 2.26
CA THR C 171 5.05 -7.78 3.19
C THR C 171 6.54 -8.11 3.06
N TYR C 172 7.21 -8.23 4.20
CA TYR C 172 8.53 -8.87 4.23
C TYR C 172 8.28 -10.36 4.06
N THR C 173 9.32 -11.09 3.68
CA THR C 173 9.21 -12.53 3.62
C THR C 173 9.48 -13.05 5.02
N PRO C 174 8.69 -14.04 5.49
CA PRO C 174 8.95 -14.63 6.82
C PRO C 174 10.22 -15.44 6.83
N ALA C 175 10.61 -15.95 5.66
CA ALA C 175 11.75 -16.82 5.54
C ALA C 175 12.21 -16.89 4.09
N THR C 176 13.37 -17.50 3.91
CA THR C 176 13.87 -17.91 2.60
C THR C 176 14.29 -19.35 2.73
N ILE C 177 14.37 -20.05 1.60
CA ILE C 177 14.87 -21.42 1.60
C ILE C 177 16.30 -21.39 1.09
N ARG C 178 17.22 -21.88 1.91
CA ARG C 178 18.63 -21.89 1.60
C ARG C 178 19.01 -23.30 1.12
N LEU C 179 19.62 -23.37 -0.06
CA LEU C 179 20.00 -24.65 -0.67
C LEU C 179 21.52 -24.73 -0.75
N LEU C 180 22.10 -25.67 0.00
CA LEU C 180 23.53 -25.95 -0.04
C LEU C 180 23.79 -27.28 -0.72
N LEU C 181 24.33 -27.23 -1.93
CA LEU C 181 24.70 -28.42 -2.67
C LEU C 181 26.02 -29.00 -2.10
N GLU C 182 26.50 -30.08 -2.68
CA GLU C 182 27.77 -30.67 -2.26
C GLU C 182 28.93 -29.68 -2.43
N GLY C 183 29.83 -29.67 -1.44
CA GLY C 183 30.99 -28.79 -1.46
C GLY C 183 30.68 -27.33 -1.19
N ARG C 184 29.44 -27.05 -0.80
CA ARG C 184 29.00 -25.68 -0.56
C ARG C 184 28.87 -25.44 0.95
N GLU C 185 29.17 -24.21 1.36
CA GLU C 185 29.06 -23.81 2.76
C GLU C 185 28.44 -22.43 2.86
N ILE C 186 28.18 -22.00 4.09
CA ILE C 186 27.80 -20.61 4.36
C ILE C 186 28.95 -20.01 5.15
N ALA C 187 29.58 -18.99 4.58
CA ALA C 187 30.75 -18.37 5.19
C ALA C 187 30.43 -17.84 6.59
N VAL C 188 31.46 -17.76 7.41
CA VAL C 188 31.33 -17.17 8.73
C VAL C 188 30.81 -15.74 8.61
N HIS C 189 29.91 -15.38 9.53
CA HIS C 189 29.26 -14.08 9.54
C HIS C 189 28.52 -13.91 10.85
N VAL C 190 28.00 -12.72 11.09
CA VAL C 190 27.20 -12.44 12.27
C VAL C 190 25.98 -11.59 11.90
N GLY C 191 24.84 -11.90 12.51
CA GLY C 191 23.55 -11.36 12.11
C GLY C 191 23.32 -9.88 12.35
N ASN C 192 23.93 -9.32 13.39
CA ASN C 192 23.71 -7.91 13.74
C ASN C 192 24.33 -6.94 12.75
N ASP C 193 25.31 -7.41 11.98
CA ASP C 193 25.86 -6.63 10.86
C ASP C 193 24.77 -6.26 9.86
N PHE C 194 23.74 -7.09 9.77
CA PHE C 194 22.64 -6.88 8.83
C PHE C 194 21.84 -5.62 9.21
N LEU C 195 21.83 -5.28 10.50
CA LEU C 195 21.22 -4.04 10.97
C LEU C 195 21.87 -2.81 10.34
N LEU C 196 23.19 -2.86 10.19
CA LEU C 196 23.98 -1.73 9.71
C LEU C 196 23.94 -1.55 8.19
N MET C 197 23.36 -2.51 7.47
CA MET C 197 23.23 -2.42 6.01
C MET C 197 22.10 -1.48 5.60
N PRO C 198 22.22 -0.83 4.43
CA PRO C 198 21.14 0.02 3.93
C PRO C 198 19.84 -0.74 3.66
N ALA C 199 19.93 -2.04 3.37
CA ALA C 199 18.77 -2.91 3.23
C ALA C 199 17.84 -2.84 4.44
N ALA C 200 18.43 -2.75 5.63
CA ALA C 200 17.69 -2.77 6.88
C ALA C 200 17.22 -1.39 7.34
N ASN C 201 17.40 -0.36 6.51
CA ASN C 201 17.03 1.01 6.91
C ASN C 201 15.62 1.09 7.47
N HIS C 202 14.67 0.45 6.80
CA HIS C 202 13.29 0.45 7.25
C HIS C 202 13.06 -0.44 8.48
N LEU C 203 13.63 -1.64 8.48
CA LEU C 203 13.50 -2.54 9.63
C LEU C 203 13.97 -1.89 10.93
N LYS C 204 15.09 -1.15 10.86
CA LYS C 204 15.63 -0.45 12.03
C LYS C 204 14.58 0.42 12.74
N THR C 205 13.71 1.07 11.97
CA THR C 205 12.68 1.92 12.55
C THR C 205 11.62 1.13 13.32
N LEU C 206 11.44 -0.14 12.96
CA LEU C 206 10.46 -1.01 13.62
C LEU C 206 11.03 -1.78 14.79
N LEU C 207 12.31 -2.12 14.73
CA LEU C 207 12.92 -3.05 15.68
C LEU C 207 13.55 -2.35 16.87
N ASP C 208 13.48 -3.03 18.01
CA ASP C 208 14.32 -2.71 19.15
C ASP C 208 15.72 -3.13 18.73
N LEU C 209 16.68 -2.21 18.83
CA LEU C 209 18.01 -2.47 18.28
C LEU C 209 18.90 -3.33 19.20
N SER C 210 18.29 -4.34 19.82
CA SER C 210 19.02 -5.37 20.54
C SER C 210 19.29 -6.52 19.57
N ASP C 211 19.88 -7.60 20.06
CA ASP C 211 20.28 -8.73 19.21
C ASP C 211 19.11 -9.31 18.42
N GLN C 212 19.37 -9.62 17.15
CA GLN C 212 18.41 -10.33 16.32
C GLN C 212 18.74 -11.82 16.39
N LEU C 213 17.73 -12.65 16.60
CA LEU C 213 17.94 -14.09 16.65
C LEU C 213 17.88 -14.66 15.25
N SER C 214 18.48 -15.84 15.09
CA SER C 214 18.40 -16.59 13.86
C SER C 214 17.56 -17.83 14.11
N TYR C 215 16.77 -18.22 13.13
CA TYR C 215 16.03 -19.47 13.19
C TYR C 215 16.09 -20.16 11.84
N PHE C 216 16.13 -21.48 11.84
CA PHE C 216 15.91 -22.25 10.64
C PHE C 216 15.44 -23.65 10.95
N ILE C 217 14.76 -24.25 9.98
CA ILE C 217 14.29 -25.62 10.05
C ILE C 217 14.82 -26.32 8.80
N PRO C 218 15.54 -27.45 8.98
CA PRO C 218 15.94 -28.21 7.80
C PRO C 218 14.76 -28.89 7.13
N LEU C 219 14.65 -28.74 5.81
CA LEU C 219 13.71 -29.51 5.01
C LEU C 219 14.35 -30.87 4.69
N THR C 220 15.59 -30.83 4.21
CA THR C 220 16.38 -32.02 3.97
C THR C 220 17.78 -31.81 4.54
N VAL C 221 18.36 -32.87 5.10
CA VAL C 221 19.68 -32.80 5.71
C VAL C 221 20.66 -33.63 4.89
N PRO C 222 21.93 -33.19 4.81
CA PRO C 222 22.89 -33.90 3.97
C PRO C 222 23.37 -35.19 4.62
N GLU C 223 24.09 -36.00 3.84
CA GLU C 223 24.62 -37.26 4.34
C GLU C 223 25.60 -37.01 5.49
N ALA C 224 26.40 -35.94 5.36
CA ALA C 224 27.27 -35.48 6.43
C ALA C 224 27.63 -34.01 6.22
N GLY C 225 28.21 -33.39 7.25
CA GLY C 225 28.55 -31.98 7.20
C GLY C 225 27.30 -31.13 7.27
N GLY C 226 27.39 -29.90 6.77
CA GLY C 226 26.26 -28.98 6.76
C GLY C 226 25.79 -28.64 8.16
N GLU C 227 26.75 -28.41 9.06
CA GLU C 227 26.45 -28.18 10.46
C GLU C 227 26.57 -26.71 10.80
N LEU C 228 25.61 -26.21 11.58
CA LEU C 228 25.70 -24.87 12.12
C LEU C 228 26.77 -24.88 13.20
N VAL C 229 27.85 -24.15 12.96
CA VAL C 229 28.92 -24.00 13.94
C VAL C 229 28.85 -22.58 14.48
N VAL C 230 28.56 -22.46 15.77
CA VAL C 230 28.48 -21.17 16.45
C VAL C 230 29.77 -20.92 17.22
N TYR C 231 30.25 -19.68 17.23
CA TYR C 231 31.51 -19.33 17.88
C TYR C 231 31.30 -18.36 19.04
N SER C 232 32.22 -18.40 20.01
CA SER C 232 32.17 -17.49 21.16
C SER C 232 32.51 -16.05 20.78
N LEU C 233 33.19 -15.88 19.64
CA LEU C 233 33.51 -14.54 19.14
C LEU C 233 32.22 -13.78 18.89
N GLU C 234 32.04 -12.67 19.59
CA GLU C 234 30.81 -11.88 19.52
C GLU C 234 30.89 -10.77 18.49
N TRP C 235 29.72 -10.25 18.14
CA TRP C 235 29.59 -9.07 17.29
C TRP C 235 30.32 -7.91 17.95
N ASN C 236 31.10 -7.18 17.15
CA ASN C 236 31.92 -6.09 17.65
C ASN C 236 31.87 -4.91 16.67
N PRO C 237 30.78 -4.11 16.72
CA PRO C 237 30.56 -3.05 15.74
C PRO C 237 31.70 -2.03 15.70
N GLN C 238 32.09 -1.54 16.87
CA GLN C 238 33.30 -0.74 17.00
C GLN C 238 34.47 -1.69 16.84
N GLU C 239 35.41 -1.33 15.96
CA GLU C 239 36.53 -2.18 15.51
C GLU C 239 36.26 -2.74 14.12
N ALA C 240 35.01 -3.11 13.84
CA ALA C 240 34.58 -3.42 12.47
C ALA C 240 34.66 -2.16 11.60
N SER C 241 34.66 -0.99 12.23
CA SER C 241 34.92 0.29 11.57
C SER C 241 36.22 0.30 10.77
N LYS C 242 37.24 -0.41 11.24
CA LYS C 242 38.53 -0.52 10.55
C LYS C 242 38.37 -1.13 9.16
N TYR C 249 39.06 -6.95 8.27
CA TYR C 249 38.44 -7.24 9.55
C TYR C 249 37.89 -8.66 9.63
N MET C 250 37.32 -9.14 8.53
CA MET C 250 36.81 -10.52 8.49
C MET C 250 37.94 -11.54 8.36
N ASP C 251 39.13 -11.10 7.94
CA ASP C 251 40.32 -11.93 7.97
C ASP C 251 40.80 -12.15 9.40
N ASP C 252 40.65 -11.13 10.24
CA ASP C 252 40.93 -11.26 11.68
C ASP C 252 39.98 -12.27 12.32
N VAL C 253 38.71 -12.20 11.95
CA VAL C 253 37.69 -13.12 12.46
C VAL C 253 37.99 -14.56 12.02
N GLU C 254 38.35 -14.73 10.75
CA GLU C 254 38.72 -16.06 10.24
C GLU C 254 39.94 -16.63 10.95
N PHE C 255 40.94 -15.78 11.20
CA PHE C 255 42.19 -16.21 11.85
C PHE C 255 41.96 -16.70 13.27
N LYS C 256 41.20 -15.94 14.05
CA LYS C 256 40.92 -16.29 15.44
C LYS C 256 40.16 -17.61 15.55
N ILE C 257 39.32 -17.90 14.55
CA ILE C 257 38.63 -19.18 14.45
C ILE C 257 39.59 -20.30 14.08
N LYS C 258 40.38 -20.08 13.02
CA LYS C 258 41.34 -21.09 12.53
C LYS C 258 42.41 -21.44 13.55
N SER C 259 42.92 -20.42 14.25
CA SER C 259 43.94 -20.62 15.28
C SER C 259 43.40 -21.25 16.58
N ASN C 260 42.11 -21.62 16.57
CA ASN C 260 41.46 -22.28 17.71
C ASN C 260 41.41 -21.34 18.92
N GLN C 261 41.33 -20.05 18.66
CA GLN C 261 41.37 -19.03 19.70
C GLN C 261 39.97 -18.72 20.23
N SER C 262 38.95 -19.32 19.60
CA SER C 262 37.57 -19.17 20.01
C SER C 262 36.93 -20.54 20.22
N GLN C 263 35.88 -20.58 21.03
CA GLN C 263 35.15 -21.82 21.33
C GLN C 263 34.05 -22.01 20.30
N SER C 264 33.70 -23.26 19.99
CA SER C 264 32.69 -23.54 18.98
C SER C 264 31.88 -24.81 19.24
N VAL C 265 30.55 -24.68 19.15
CA VAL C 265 29.64 -25.82 19.26
C VAL C 265 28.99 -26.06 17.89
N ALA C 266 28.83 -27.33 17.52
CA ALA C 266 28.26 -27.71 16.23
C ALA C 266 26.90 -28.36 16.42
N TYR C 267 25.92 -27.92 15.63
CA TYR C 267 24.56 -28.47 15.70
C TYR C 267 24.10 -28.95 14.33
N ALA C 268 23.46 -30.11 14.33
CA ALA C 268 22.89 -30.71 13.11
C ALA C 268 21.46 -31.11 13.39
N PRO C 269 20.53 -30.13 13.41
CA PRO C 269 19.13 -30.47 13.60
C PRO C 269 18.62 -31.33 12.45
N GLY C 270 17.65 -32.19 12.75
CA GLY C 270 17.06 -33.06 11.73
C GLY C 270 15.90 -32.36 11.04
N PRO C 271 15.36 -32.98 9.98
CA PRO C 271 14.20 -32.44 9.29
C PRO C 271 13.03 -32.15 10.23
N GLY C 272 12.58 -30.89 10.25
CA GLY C 272 11.44 -30.49 11.06
C GLY C 272 11.81 -29.94 12.43
N ASP C 273 13.06 -30.15 12.84
CA ASP C 273 13.56 -29.56 14.08
C ASP C 273 13.96 -28.11 13.79
N MET C 274 13.60 -27.20 14.67
CA MET C 274 14.00 -25.80 14.53
C MET C 274 15.22 -25.53 15.38
N LEU C 275 16.21 -24.83 14.81
CA LEU C 275 17.32 -24.31 15.57
C LEU C 275 17.10 -22.81 15.74
N LEU C 276 16.86 -22.39 16.97
CA LEU C 276 16.65 -20.99 17.30
C LEU C 276 17.82 -20.55 18.15
N PHE C 277 18.54 -19.53 17.72
CA PHE C 277 19.74 -19.08 18.45
C PHE C 277 20.12 -17.64 18.16
N ASN C 278 20.99 -17.10 19.00
CA ASN C 278 21.44 -15.72 18.88
C ASN C 278 22.55 -15.56 17.84
N GLY C 279 22.17 -15.70 16.57
CA GLY C 279 23.10 -15.52 15.45
C GLY C 279 23.49 -14.08 15.25
N GLY C 280 22.68 -13.16 15.78
CA GLY C 280 23.01 -11.75 15.77
C GLY C 280 24.21 -11.42 16.64
N ARG C 281 24.35 -12.12 17.76
CA ARG C 281 25.45 -11.87 18.68
C ARG C 281 26.69 -12.63 18.24
N TYR C 282 26.55 -13.94 18.10
CA TYR C 282 27.69 -14.82 17.91
C TYR C 282 27.98 -15.09 16.44
N TYR C 283 29.25 -14.92 16.05
CA TYR C 283 29.70 -15.30 14.72
C TYR C 283 29.45 -16.78 14.52
N HIS C 284 29.07 -17.15 13.30
CA HIS C 284 28.76 -18.55 13.00
C HIS C 284 28.79 -18.80 11.50
N ARG C 285 28.69 -20.08 11.15
CA ARG C 285 28.77 -20.53 9.76
C ARG C 285 28.05 -21.87 9.63
N VAL C 286 27.93 -22.35 8.39
CA VAL C 286 27.45 -23.71 8.14
C VAL C 286 28.54 -24.43 7.36
N SER C 287 28.99 -25.57 7.89
CA SER C 287 30.14 -26.26 7.33
C SER C 287 29.84 -26.86 5.97
N GLU C 288 30.90 -27.11 5.20
CA GLU C 288 30.81 -27.73 3.88
C GLU C 288 29.87 -28.93 3.90
N VAL C 289 28.96 -28.99 2.93
CA VAL C 289 28.04 -30.11 2.79
C VAL C 289 28.77 -31.28 2.13
N ILE C 290 28.71 -32.45 2.77
CA ILE C 290 29.39 -33.65 2.29
C ILE C 290 28.36 -34.66 1.79
N GLY C 291 28.49 -35.03 0.52
CA GLY C 291 27.64 -36.07 -0.07
C GLY C 291 26.75 -35.58 -1.18
N ASN C 292 25.89 -36.46 -1.67
CA ASN C 292 25.03 -36.19 -2.82
C ASN C 292 23.76 -35.43 -2.44
N SER C 293 23.24 -35.67 -1.25
CA SER C 293 21.97 -35.07 -0.81
C SER C 293 22.15 -33.65 -0.28
N PRO C 294 21.54 -32.65 -0.95
CA PRO C 294 21.78 -31.26 -0.53
C PRO C 294 21.14 -30.89 0.81
N ARG C 295 21.72 -29.91 1.48
CA ARG C 295 21.13 -29.36 2.69
C ARG C 295 20.13 -28.27 2.29
N ARG C 296 18.87 -28.48 2.64
CA ARG C 296 17.82 -27.48 2.41
C ARG C 296 17.24 -27.02 3.73
N THR C 297 17.31 -25.72 3.98
CA THR C 297 16.74 -25.15 5.19
C THR C 297 15.78 -24.02 4.85
N ILE C 298 14.73 -23.90 5.65
CA ILE C 298 13.86 -22.74 5.60
C ILE C 298 14.05 -21.98 6.91
N GLY C 299 14.30 -20.69 6.81
CA GLY C 299 14.62 -19.93 8.00
C GLY C 299 14.77 -18.45 7.78
N GLY C 300 15.20 -17.77 8.83
CA GLY C 300 15.32 -16.34 8.82
C GLY C 300 15.72 -15.83 10.18
N PHE C 301 15.17 -14.68 10.56
CA PHE C 301 15.57 -13.99 11.76
C PHE C 301 14.34 -13.55 12.53
N LEU C 302 14.53 -13.21 13.81
CA LEU C 302 13.50 -12.57 14.59
C LEU C 302 14.09 -11.62 15.61
N ALA C 303 13.32 -10.59 15.96
CA ALA C 303 13.76 -9.59 16.90
C ALA C 303 12.56 -8.96 17.58
N PHE C 304 12.81 -8.18 18.63
CA PHE C 304 11.76 -7.45 19.31
C PHE C 304 11.42 -6.18 18.55
N SER C 305 10.14 -5.85 18.52
CA SER C 305 9.69 -4.54 18.05
C SER C 305 10.27 -3.46 18.95
N LYS C 306 10.31 -2.22 18.45
CA LYS C 306 10.79 -1.06 19.21
C LYS C 306 10.32 -1.05 20.67
N GLN C 307 9.03 -1.31 20.88
CA GLN C 307 8.44 -1.22 22.20
C GLN C 307 8.51 -2.53 23.01
N ARG C 308 9.16 -3.55 22.45
CA ARG C 308 9.29 -4.88 23.08
C ARG C 308 7.95 -5.48 23.48
N ASP C 309 6.93 -5.25 22.67
CA ASP C 309 5.58 -5.77 22.91
C ASP C 309 5.18 -6.71 21.78
N LYS C 310 6.15 -7.12 20.97
CA LYS C 310 5.86 -7.82 19.72
C LYS C 310 7.15 -8.41 19.15
N ILE C 311 7.04 -9.60 18.58
CA ILE C 311 8.16 -10.24 17.88
C ILE C 311 7.95 -10.22 16.38
N TYR C 312 8.91 -9.63 15.66
CA TYR C 312 8.95 -9.68 14.20
C TYR C 312 9.86 -10.80 13.77
N TYR C 313 9.51 -11.48 12.68
CA TYR C 313 10.39 -12.47 12.07
C TYR C 313 10.38 -12.31 10.55
N TRP C 314 11.55 -12.47 9.93
CA TRP C 314 11.72 -12.17 8.51
C TRP C 314 12.90 -12.90 7.84
N SER C 315 12.94 -12.78 6.51
CA SER C 315 14.00 -13.31 5.62
C SER C 315 14.73 -14.58 6.04
FE FE2 D . -1.38 32.35 1.96
C1 AKG E . -2.44 31.25 4.42
O1 AKG E . -2.84 31.38 3.25
O2 AKG E . -3.16 30.77 5.32
C2 AKG E . -1.07 31.66 4.74
O5 AKG E . -0.45 32.33 3.93
C3 AKG E . -0.45 31.23 6.04
C4 AKG E . -0.18 29.73 5.98
C5 AKG E . 0.20 29.15 7.32
O3 AKG E . 0.48 27.93 7.35
O4 AKG E . 0.24 29.88 8.33
CAA 6CU F . 2.16 27.32 -0.34
CAF 6CU F . 2.20 28.73 0.22
CAW 6CU F . 3.18 29.09 1.34
CAD 6CU F . 2.93 28.11 2.51
CAL 6CU F . 2.91 30.54 1.82
CAK 6CU F . 3.32 31.58 0.76
CAS 6CU F . 4.80 31.35 0.45
CAV 6CU F . 5.46 32.23 -0.62
CAB 6CU F . 5.96 33.53 0.04
CAC 6CU F . 4.60 32.53 -1.86
CAO 6CU F . 6.55 31.38 -0.96
NAM 6CU F . 7.78 31.41 -1.45
CAQ 6CU F . 8.24 30.17 -1.50
CAI 6CU F . 9.44 29.70 -1.91
CAG 6CU F . 9.70 28.34 -1.89
CAH 6CU F . 8.72 27.48 -1.42
CAJ 6CU F . 7.50 28.03 -0.99
CAR 6CU F . 7.30 29.35 -1.04
CAP 6CU F . 6.24 30.08 -0.70
CAU 6CU F . 4.93 30.02 -0.21
CAT 6CU F . 4.65 28.94 0.83
NAN 6CU F . 5.49 29.10 2.02
CAE 6CU F . 6.06 29.21 2.87
CL CL G . -2.41 32.24 -0.01
N NO H . -0.63 30.44 1.65
O NO H . -0.30 29.72 2.58
FE FE2 I . -15.92 -7.86 -19.22
C1 AKG J . -16.83 -6.92 -16.71
O1 AKG J . -16.76 -7.98 -17.38
O2 AKG J . -17.31 -6.93 -15.56
C2 AKG J . -16.34 -5.66 -17.26
O5 AKG J . -16.06 -5.58 -18.46
C3 AKG J . -16.16 -4.46 -16.38
C4 AKG J . -15.03 -4.73 -15.39
C5 AKG J . -14.78 -3.55 -14.47
O3 AKG J . -15.43 -2.51 -14.63
O4 AKG J . -13.93 -3.71 -13.56
CAA 6CU K . -9.59 -8.39 -17.92
CAF 6CU K . -10.65 -7.65 -18.72
CAW 6CU K . -10.63 -6.12 -18.79
CAD 6CU K . -10.66 -5.57 -17.36
CAL 6CU K . -11.88 -5.60 -19.55
CAK 6CU K . -11.83 -5.91 -21.04
CAS 6CU K . -10.58 -5.27 -21.58
CAV 6CU K . -10.27 -5.43 -23.06
CAB 6CU K . -10.98 -4.32 -23.87
CAC 6CU K . -10.59 -6.82 -23.65
CAO 6CU K . -8.87 -5.22 -23.03
NAM 6CU K . -7.85 -4.82 -23.80
CAQ 6CU K . -6.73 -4.88 -23.09
CAI 6CU K . -5.47 -4.58 -23.42
CAG 6CU K . -4.44 -4.73 -22.51
CAH 6CU K . -4.76 -5.19 -21.23
CAJ 6CU K . -6.09 -5.49 -20.93
CAR 6CU K . -7.04 -5.33 -21.86
CAP 6CU K . -8.36 -5.53 -21.82
CAU 6CU K . -9.41 -5.99 -21.00
CAT 6CU K . -9.34 -5.65 -19.50
NAN 6CU K . -9.19 -4.20 -19.27
CAE 6CU K . -9.08 -3.18 -19.10
CL CL L . -15.80 -10.16 -19.83
N NO M . -14.06 -7.99 -18.46
O NO M . -13.68 -7.41 -17.45
FE FE2 N . 23.22 -16.45 10.08
C1 AKG O . 21.58 -18.70 10.52
O1 AKG O . 20.48 -19.28 10.68
O2 AKG O . 21.88 -17.66 11.13
C2 AKG O . 22.55 -19.25 9.57
O5 AKG O . 23.54 -18.61 9.28
C3 AKG O . 22.30 -20.60 8.96
C4 AKG O . 21.37 -20.44 7.77
C5 AKG O . 20.71 -21.75 7.40
O3 AKG O . 19.57 -21.73 6.89
O4 AKG O . 21.33 -22.80 7.63
CAA 6CU P . 21.51 -13.61 5.51
CAF 6CU P . 21.19 -14.84 4.65
CAW 6CU P . 22.20 -15.95 4.38
CAD 6CU P . 21.38 -17.22 4.15
CAL 6CU P . 23.18 -16.22 5.58
CAK 6CU P . 24.49 -15.38 5.61
CAS 6CU P . 25.07 -15.26 4.22
CAV 6CU P . 26.26 -14.32 3.99
CAB 6CU P . 27.57 -15.10 4.22
CAC 6CU P . 26.23 -13.03 4.86
CAO 6CU P . 26.09 -13.98 2.63
NAM 6CU P . 26.77 -13.56 1.57
CAQ 6CU P . 25.93 -13.44 0.54
CAI 6CU P . 26.14 -13.06 -0.72
CAG 6CU P . 25.07 -13.02 -1.63
CAH 6CU P . 23.81 -13.40 -1.19
CAJ 6CU P . 23.66 -13.80 0.14
CAR 6CU P . 24.71 -13.82 0.97
CAP 6CU P . 24.81 -14.15 2.25
CAU 6CU P . 24.06 -14.59 3.35
CAT 6CU P . 22.97 -15.61 3.05
NAN 6CU P . 23.52 -16.86 2.53
CAE 6CU P . 23.93 -17.79 2.17
CL CL Q . 22.77 -14.36 10.90
#